data_1OE0
#
_entry.id   1OE0
#
_cell.length_a   67.078
_cell.length_b   119.680
_cell.length_c   69.512
_cell.angle_alpha   90.00
_cell.angle_beta   92.85
_cell.angle_gamma   90.00
#
_symmetry.space_group_name_H-M   'P 1 21 1'
#
loop_
_entity.id
_entity.type
_entity.pdbx_description
1 polymer 'DEOXYRIBONUCLEOSIDE KINASE'
2 non-polymer "THYMIDINE-5'-TRIPHOSPHATE"
3 non-polymer 'MAGNESIUM ION'
4 water water
#
_entity_poly.entity_id   1
_entity_poly.type   'polypeptide(L)'
_entity_poly.pdbx_seq_one_letter_code
;MAEAASCARKGTKYAEGTQPFTVLIEGNIGSGKTTYLNHFEKYKNDICLLTEPVEKWRNVNGVNLLELMYKDPKKWAMPF
QSYVTLTMLQSHTAPTNKKLKIMERSIFSARYCFVENMRRNGSLEQGMYNTLEEWYKFIEESIHVQADLIIYLRTSPEVA
YERIRQRARSEESCVPLKYLQELHELHEDWLIHQRRPQSCKVLVLDADLNLENIGTEYQRSESSIFDAIS
;
_entity_poly.pdbx_strand_id   A,B,C,D
#
loop_
_chem_comp.id
_chem_comp.type
_chem_comp.name
_chem_comp.formula
MG non-polymer 'MAGNESIUM ION' 'Mg 2'
TTP non-polymer THYMIDINE-5'-TRIPHOSPHATE 'C10 H17 N2 O14 P3'
#
# COMPACT_ATOMS: atom_id res chain seq x y z
N THR A 12 -6.61 -12.70 -16.53
CA THR A 12 -8.09 -12.87 -16.85
C THR A 12 -8.96 -12.63 -15.66
N LYS A 13 -10.08 -11.93 -15.90
CA LYS A 13 -10.96 -11.63 -14.83
C LYS A 13 -12.35 -12.28 -14.90
N TYR A 14 -12.90 -12.58 -13.73
CA TYR A 14 -14.22 -13.19 -13.62
C TYR A 14 -15.20 -12.26 -14.32
N ALA A 15 -16.17 -12.85 -15.01
CA ALA A 15 -17.20 -12.10 -15.74
C ALA A 15 -16.66 -11.27 -16.90
N GLU A 16 -15.43 -11.55 -17.31
CA GLU A 16 -14.81 -10.83 -18.43
C GLU A 16 -15.60 -11.06 -19.72
N GLY A 17 -15.92 -9.97 -20.43
CA GLY A 17 -16.68 -10.10 -21.66
C GLY A 17 -17.97 -10.89 -21.50
N THR A 18 -18.77 -10.55 -20.50
CA THR A 18 -20.05 -11.20 -20.26
C THR A 18 -21.11 -10.14 -19.97
N GLN A 19 -20.66 -8.90 -19.90
CA GLN A 19 -21.55 -7.80 -19.56
C GLN A 19 -21.90 -6.87 -20.70
N PRO A 20 -23.20 -6.51 -20.77
CA PRO A 20 -23.71 -5.55 -21.78
C PRO A 20 -23.18 -4.14 -21.53
N PHE A 21 -23.74 -3.17 -22.24
CA PHE A 21 -23.41 -1.78 -22.00
C PHE A 21 -23.94 -1.53 -20.60
N THR A 22 -23.12 -0.98 -19.70
CA THR A 22 -23.58 -0.76 -18.35
C THR A 22 -23.57 0.69 -17.91
N VAL A 23 -24.70 1.11 -17.35
CA VAL A 23 -24.86 2.47 -16.85
C VAL A 23 -24.96 2.43 -15.33
N LEU A 24 -24.24 3.32 -14.67
CA LEU A 24 -24.27 3.36 -13.22
C LEU A 24 -24.97 4.64 -12.80
N ILE A 25 -25.95 4.53 -11.91
CA ILE A 25 -26.66 5.71 -11.42
C ILE A 25 -26.06 6.08 -10.06
N GLU A 26 -25.42 7.24 -10.00
CA GLU A 26 -24.80 7.71 -8.78
C GLU A 26 -25.40 9.02 -8.31
N GLY A 27 -25.22 9.31 -7.02
CA GLY A 27 -25.76 10.53 -6.45
C GLY A 27 -25.77 10.37 -4.94
N ASN A 28 -25.85 11.48 -4.22
CA ASN A 28 -25.86 11.44 -2.77
C ASN A 28 -27.04 10.67 -2.23
N ILE A 29 -27.03 10.37 -0.94
CA ILE A 29 -28.14 9.67 -0.32
C ILE A 29 -29.38 10.53 -0.54
N GLY A 30 -30.47 9.92 -0.96
CA GLY A 30 -31.69 10.68 -1.17
C GLY A 30 -31.70 11.58 -2.38
N SER A 31 -30.74 11.42 -3.29
CA SER A 31 -30.69 12.25 -4.49
C SER A 31 -31.74 11.81 -5.51
N GLY A 32 -32.35 10.65 -5.28
CA GLY A 32 -33.37 10.15 -6.20
C GLY A 32 -32.89 9.13 -7.22
N LYS A 33 -31.89 8.33 -6.87
CA LYS A 33 -31.37 7.32 -7.79
C LYS A 33 -32.41 6.27 -8.12
N THR A 34 -33.16 5.82 -7.11
CA THR A 34 -34.19 4.81 -7.33
C THR A 34 -35.36 5.38 -8.13
N THR A 35 -35.78 6.59 -7.75
CA THR A 35 -36.88 7.27 -8.44
C THR A 35 -36.57 7.38 -9.93
N TYR A 36 -35.34 7.77 -10.23
CA TYR A 36 -34.89 7.93 -11.60
C TYR A 36 -34.93 6.60 -12.35
N LEU A 37 -34.56 5.53 -11.65
CA LEU A 37 -34.55 4.20 -12.25
C LEU A 37 -35.94 3.60 -12.50
N ASN A 38 -36.92 3.99 -11.70
CA ASN A 38 -38.27 3.48 -11.87
C ASN A 38 -38.87 3.90 -13.20
N HIS A 39 -38.19 4.80 -13.91
CA HIS A 39 -38.66 5.27 -15.20
C HIS A 39 -38.35 4.30 -16.33
N PHE A 40 -37.38 3.41 -16.12
CA PHE A 40 -37.01 2.42 -17.13
C PHE A 40 -37.76 1.13 -16.82
N GLU A 41 -38.59 1.20 -15.80
CA GLU A 41 -39.38 0.08 -15.32
C GLU A 41 -40.13 -0.70 -16.39
N LYS A 42 -40.74 0.02 -17.34
CA LYS A 42 -41.51 -0.62 -18.40
C LYS A 42 -40.68 -1.32 -19.47
N TYR A 43 -39.40 -1.00 -19.54
CA TYR A 43 -38.50 -1.63 -20.51
C TYR A 43 -37.80 -2.80 -19.84
N LYS A 44 -38.40 -3.23 -18.73
CA LYS A 44 -37.91 -4.33 -17.90
C LYS A 44 -37.40 -5.54 -18.68
N ASN A 45 -38.08 -5.89 -19.77
CA ASN A 45 -37.70 -7.05 -20.56
C ASN A 45 -36.71 -6.77 -21.68
N ASP A 46 -36.04 -5.62 -21.59
CA ASP A 46 -35.06 -5.25 -22.60
C ASP A 46 -33.81 -4.67 -21.92
N ILE A 47 -33.98 -4.30 -20.66
CA ILE A 47 -32.91 -3.71 -19.87
C ILE A 47 -32.83 -4.39 -18.51
N CYS A 48 -31.64 -4.82 -18.10
CA CYS A 48 -31.46 -5.45 -16.80
C CYS A 48 -31.39 -4.33 -15.78
N LEU A 49 -32.36 -4.28 -14.87
CA LEU A 49 -32.40 -3.23 -13.86
C LEU A 49 -32.11 -3.75 -12.46
N LEU A 50 -30.99 -3.29 -11.89
CA LEU A 50 -30.57 -3.68 -10.54
C LEU A 50 -30.71 -2.44 -9.65
N THR A 51 -31.80 -2.36 -8.90
CA THR A 51 -32.05 -1.20 -8.06
C THR A 51 -32.18 -1.48 -6.57
N GLU A 52 -32.21 -0.38 -5.80
CA GLU A 52 -32.37 -0.41 -4.35
C GLU A 52 -31.59 -1.51 -3.62
N PRO A 53 -30.25 -1.50 -3.72
CA PRO A 53 -29.40 -2.50 -3.07
C PRO A 53 -29.51 -2.47 -1.53
N VAL A 54 -29.96 -1.35 -1.01
CA VAL A 54 -30.10 -1.17 0.44
C VAL A 54 -30.93 -2.26 1.09
N GLU A 55 -31.91 -2.77 0.36
CA GLU A 55 -32.77 -3.81 0.92
C GLU A 55 -31.97 -5.02 1.37
N LYS A 56 -30.92 -5.36 0.65
CA LYS A 56 -30.08 -6.49 1.04
C LYS A 56 -29.31 -6.19 2.30
N TRP A 57 -28.84 -4.95 2.41
CA TRP A 57 -28.05 -4.57 3.59
C TRP A 57 -28.90 -4.47 4.86
N ARG A 58 -30.20 -4.25 4.69
CA ARG A 58 -31.09 -4.14 5.84
C ARG A 58 -31.57 -5.49 6.34
N ASN A 59 -31.30 -6.55 5.59
CA ASN A 59 -31.72 -7.88 6.00
C ASN A 59 -30.80 -8.97 5.45
N VAL A 60 -29.80 -9.31 6.25
CA VAL A 60 -28.84 -10.33 5.88
C VAL A 60 -29.17 -11.51 6.77
N ASN A 61 -29.98 -12.43 6.24
CA ASN A 61 -30.41 -13.60 6.99
C ASN A 61 -30.97 -13.10 8.32
N GLY A 62 -31.80 -12.07 8.27
CA GLY A 62 -32.37 -11.55 9.50
C GLY A 62 -31.61 -10.42 10.18
N VAL A 63 -30.33 -10.26 9.89
CA VAL A 63 -29.54 -9.20 10.50
C VAL A 63 -29.62 -7.89 9.72
N ASN A 64 -29.81 -6.78 10.43
CA ASN A 64 -29.88 -5.47 9.77
C ASN A 64 -28.53 -4.76 9.87
N LEU A 65 -27.64 -5.04 8.93
CA LEU A 65 -26.31 -4.42 8.92
C LEU A 65 -26.33 -2.91 8.84
N LEU A 66 -27.24 -2.36 8.04
CA LEU A 66 -27.36 -0.91 7.89
C LEU A 66 -27.62 -0.27 9.24
N GLU A 67 -28.54 -0.84 10.00
CA GLU A 67 -28.81 -0.28 11.29
C GLU A 67 -27.64 -0.39 12.24
N LEU A 68 -27.07 -1.58 12.34
CA LEU A 68 -25.94 -1.82 13.21
C LEU A 68 -24.81 -0.82 12.92
N MET A 69 -24.59 -0.54 11.65
CA MET A 69 -23.53 0.38 11.27
C MET A 69 -23.79 1.78 11.81
N TYR A 70 -25.03 2.27 11.67
CA TYR A 70 -25.35 3.60 12.17
C TYR A 70 -25.33 3.70 13.69
N LYS A 71 -25.69 2.62 14.39
CA LYS A 71 -25.69 2.65 15.84
C LYS A 71 -24.31 2.51 16.46
N ASP A 72 -23.45 1.71 15.84
CA ASP A 72 -22.11 1.48 16.36
C ASP A 72 -21.07 1.36 15.23
N PRO A 73 -20.77 2.48 14.55
CA PRO A 73 -19.83 2.58 13.44
C PRO A 73 -18.44 1.99 13.70
N LYS A 74 -17.85 2.31 14.84
CA LYS A 74 -16.51 1.83 15.18
C LYS A 74 -16.39 0.32 15.07
N LYS A 75 -17.49 -0.36 15.29
CA LYS A 75 -17.49 -1.82 15.25
C LYS A 75 -18.12 -2.44 14.01
N TRP A 76 -19.17 -1.82 13.49
CA TRP A 76 -19.89 -2.37 12.35
C TRP A 76 -19.65 -1.76 10.97
N ALA A 77 -19.00 -0.62 10.91
CA ALA A 77 -18.75 0.02 9.63
C ALA A 77 -17.95 -0.88 8.70
N MET A 78 -16.98 -1.60 9.25
CA MET A 78 -16.14 -2.46 8.42
C MET A 78 -16.90 -3.64 7.84
N PRO A 79 -17.57 -4.45 8.69
CA PRO A 79 -18.30 -5.58 8.11
C PRO A 79 -19.40 -5.07 7.16
N PHE A 80 -20.01 -3.95 7.50
CA PHE A 80 -21.04 -3.39 6.65
C PHE A 80 -20.51 -3.04 5.25
N GLN A 81 -19.41 -2.26 5.20
CA GLN A 81 -18.83 -1.87 3.93
C GLN A 81 -18.31 -3.09 3.15
N SER A 82 -17.84 -4.09 3.87
CA SER A 82 -17.37 -5.29 3.23
C SER A 82 -18.54 -6.00 2.53
N TYR A 83 -19.73 -5.92 3.15
CA TYR A 83 -20.91 -6.55 2.57
C TYR A 83 -21.46 -5.71 1.42
N VAL A 84 -21.38 -4.40 1.55
CA VAL A 84 -21.82 -3.51 0.47
C VAL A 84 -20.95 -3.83 -0.77
N THR A 85 -19.64 -3.92 -0.55
CA THR A 85 -18.70 -4.23 -1.61
C THR A 85 -19.07 -5.56 -2.28
N LEU A 86 -19.36 -6.57 -1.46
CA LEU A 86 -19.72 -7.87 -2.00
C LEU A 86 -20.99 -7.84 -2.85
N THR A 87 -22.06 -7.25 -2.34
CA THR A 87 -23.30 -7.20 -3.10
C THR A 87 -23.19 -6.38 -4.38
N MET A 88 -22.35 -5.33 -4.38
CA MET A 88 -22.17 -4.52 -5.59
C MET A 88 -21.47 -5.41 -6.61
N LEU A 89 -20.43 -6.09 -6.14
CA LEU A 89 -19.64 -6.96 -6.97
C LEU A 89 -20.55 -8.05 -7.57
N GLN A 90 -21.49 -8.55 -6.77
CA GLN A 90 -22.40 -9.58 -7.26
C GLN A 90 -23.29 -9.01 -8.38
N SER A 91 -23.72 -7.77 -8.23
CA SER A 91 -24.56 -7.14 -9.24
C SER A 91 -23.76 -6.81 -10.50
N HIS A 92 -22.55 -6.28 -10.32
CA HIS A 92 -21.70 -5.94 -11.46
C HIS A 92 -21.43 -7.18 -12.33
N THR A 93 -21.22 -8.32 -11.69
CA THR A 93 -20.92 -9.55 -12.41
C THR A 93 -22.11 -10.47 -12.66
N ALA A 94 -23.30 -10.04 -12.28
CA ALA A 94 -24.49 -10.87 -12.52
C ALA A 94 -24.73 -11.11 -14.00
N PRO A 95 -24.97 -12.36 -14.39
CA PRO A 95 -25.22 -12.72 -15.79
C PRO A 95 -26.55 -12.19 -16.33
N THR A 96 -26.57 -11.77 -17.59
CA THR A 96 -27.77 -11.30 -18.22
C THR A 96 -27.65 -11.33 -19.73
N ASN A 97 -28.79 -11.50 -20.39
CA ASN A 97 -28.86 -11.56 -21.84
C ASN A 97 -29.14 -10.20 -22.44
N LYS A 98 -29.99 -9.44 -21.77
CA LYS A 98 -30.34 -8.12 -22.23
C LYS A 98 -29.13 -7.35 -22.75
N LYS A 99 -29.40 -6.37 -23.62
CA LYS A 99 -28.36 -5.58 -24.23
C LYS A 99 -27.93 -4.36 -23.43
N LEU A 100 -28.73 -3.99 -22.42
CA LEU A 100 -28.41 -2.85 -21.59
C LEU A 100 -28.58 -3.17 -20.11
N LYS A 101 -27.66 -2.65 -19.29
CA LYS A 101 -27.70 -2.89 -17.85
C LYS A 101 -27.54 -1.57 -17.09
N ILE A 102 -28.48 -1.30 -16.19
CA ILE A 102 -28.44 -0.08 -15.38
C ILE A 102 -28.47 -0.46 -13.90
N MET A 103 -27.53 0.10 -13.14
CA MET A 103 -27.42 -0.17 -11.70
C MET A 103 -27.53 1.06 -10.84
N GLU A 104 -28.12 0.89 -9.69
CA GLU A 104 -28.16 1.94 -8.66
C GLU A 104 -26.90 1.76 -7.81
N ARG A 105 -26.05 2.78 -7.77
CA ARG A 105 -24.81 2.67 -7.02
C ARG A 105 -23.84 1.73 -7.72
N SER A 106 -22.65 1.59 -7.14
CA SER A 106 -21.62 0.75 -7.69
C SER A 106 -20.53 0.55 -6.66
N ILE A 107 -19.58 -0.33 -6.97
CA ILE A 107 -18.49 -0.58 -6.06
C ILE A 107 -17.61 0.67 -5.91
N PHE A 108 -17.61 1.54 -6.92
CA PHE A 108 -16.81 2.77 -6.90
C PHE A 108 -17.28 3.83 -5.91
N SER A 109 -18.59 4.00 -5.78
CA SER A 109 -19.08 5.00 -4.86
C SER A 109 -18.91 4.49 -3.44
N ALA A 110 -18.94 3.16 -3.29
CA ALA A 110 -18.76 2.58 -1.97
C ALA A 110 -17.34 2.86 -1.52
N ARG A 111 -16.39 2.73 -2.44
CA ARG A 111 -14.98 2.94 -2.15
C ARG A 111 -14.59 4.42 -2.04
N TYR A 112 -14.81 5.16 -3.12
CA TYR A 112 -14.44 6.58 -3.20
C TYR A 112 -15.21 7.56 -2.35
N CYS A 113 -16.46 7.24 -1.99
CA CYS A 113 -17.24 8.16 -1.19
C CYS A 113 -17.48 7.71 0.24
N PHE A 114 -18.12 6.54 0.40
CA PHE A 114 -18.42 6.06 1.73
C PHE A 114 -17.26 5.54 2.55
N VAL A 115 -16.44 4.65 1.99
CA VAL A 115 -15.32 4.14 2.75
C VAL A 115 -14.36 5.29 3.08
N GLU A 116 -14.10 6.16 2.10
CA GLU A 116 -13.22 7.29 2.31
C GLU A 116 -13.74 8.21 3.41
N ASN A 117 -15.02 8.52 3.41
CA ASN A 117 -15.59 9.40 4.42
C ASN A 117 -15.52 8.76 5.80
N MET A 118 -15.73 7.44 5.85
CA MET A 118 -15.68 6.74 7.13
C MET A 118 -14.25 6.65 7.66
N ARG A 119 -13.27 6.75 6.78
CA ARG A 119 -11.89 6.76 7.25
C ARG A 119 -11.69 8.13 7.89
N ARG A 120 -12.14 9.18 7.20
CA ARG A 120 -12.00 10.53 7.71
C ARG A 120 -12.70 10.85 9.02
N ASN A 121 -13.90 10.34 9.25
CA ASN A 121 -14.58 10.64 10.50
C ASN A 121 -14.23 9.67 11.64
N GLY A 122 -13.27 8.80 11.39
CA GLY A 122 -12.87 7.84 12.40
C GLY A 122 -13.70 6.57 12.57
N SER A 123 -14.77 6.43 11.78
CA SER A 123 -15.59 5.23 11.89
C SER A 123 -14.78 3.98 11.57
N LEU A 124 -13.85 4.10 10.62
CA LEU A 124 -13.00 2.97 10.24
C LEU A 124 -11.57 3.21 10.70
N GLU A 125 -11.12 2.40 11.66
CA GLU A 125 -9.77 2.51 12.15
C GLU A 125 -8.89 2.25 10.94
N GLN A 126 -7.66 2.71 11.03
CA GLN A 126 -6.79 2.50 9.92
C GLN A 126 -6.65 1.06 9.44
N GLY A 127 -6.56 0.12 10.37
CA GLY A 127 -6.41 -1.27 10.00
C GLY A 127 -7.60 -1.77 9.21
N MET A 128 -8.79 -1.25 9.48
CA MET A 128 -10.00 -1.65 8.75
C MET A 128 -9.99 -1.03 7.36
N TYR A 129 -9.60 0.24 7.30
CA TYR A 129 -9.53 0.95 6.03
C TYR A 129 -8.57 0.22 5.10
N ASN A 130 -7.40 -0.15 5.61
CA ASN A 130 -6.40 -0.84 4.79
C ASN A 130 -6.92 -2.18 4.28
N THR A 131 -7.59 -2.95 5.14
CA THR A 131 -8.13 -4.24 4.73
C THR A 131 -9.09 -4.04 3.55
N LEU A 132 -10.02 -3.11 3.70
CA LEU A 132 -10.98 -2.82 2.65
C LEU A 132 -10.26 -2.39 1.37
N GLU A 133 -9.28 -1.50 1.50
CA GLU A 133 -8.54 -1.03 0.34
C GLU A 133 -7.79 -2.15 -0.36
N GLU A 134 -7.20 -3.05 0.42
CA GLU A 134 -6.47 -4.15 -0.19
C GLU A 134 -7.46 -5.04 -0.96
N TRP A 135 -8.68 -5.18 -0.45
CA TRP A 135 -9.69 -5.97 -1.16
C TRP A 135 -10.02 -5.27 -2.48
N TYR A 136 -10.25 -3.96 -2.44
CA TYR A 136 -10.56 -3.24 -3.66
C TYR A 136 -9.45 -3.41 -4.72
N LYS A 137 -8.19 -3.36 -4.30
CA LYS A 137 -7.09 -3.53 -5.25
C LYS A 137 -7.13 -4.93 -5.86
N PHE A 138 -7.28 -5.96 -5.03
CA PHE A 138 -7.35 -7.31 -5.56
C PHE A 138 -8.54 -7.47 -6.51
N ILE A 139 -9.64 -6.79 -6.22
CA ILE A 139 -10.84 -6.87 -7.06
C ILE A 139 -10.61 -6.23 -8.43
N GLU A 140 -9.90 -5.11 -8.46
CA GLU A 140 -9.65 -4.46 -9.75
C GLU A 140 -8.88 -5.39 -10.68
N GLU A 141 -8.06 -6.27 -10.10
CA GLU A 141 -7.24 -7.18 -10.90
C GLU A 141 -7.82 -8.56 -11.18
N SER A 142 -8.74 -9.02 -10.35
CA SER A 142 -9.31 -10.36 -10.53
C SER A 142 -10.75 -10.39 -11.05
N ILE A 143 -11.45 -9.26 -10.96
CA ILE A 143 -12.84 -9.24 -11.39
C ILE A 143 -13.14 -8.08 -12.31
N HIS A 144 -13.94 -8.38 -13.32
CA HIS A 144 -14.33 -7.40 -14.33
C HIS A 144 -15.57 -6.61 -13.91
N VAL A 145 -15.42 -5.29 -13.90
CA VAL A 145 -16.52 -4.40 -13.54
C VAL A 145 -16.84 -3.49 -14.73
N GLN A 146 -17.90 -3.86 -15.45
CA GLN A 146 -18.35 -3.13 -16.62
C GLN A 146 -18.87 -1.75 -16.21
N ALA A 147 -18.27 -0.70 -16.75
CA ALA A 147 -18.69 0.66 -16.46
C ALA A 147 -18.54 1.51 -17.71
N ASP A 148 -19.65 1.71 -18.42
CA ASP A 148 -19.66 2.48 -19.67
C ASP A 148 -20.10 3.93 -19.48
N LEU A 149 -21.15 4.12 -18.69
CA LEU A 149 -21.64 5.46 -18.44
C LEU A 149 -22.10 5.60 -17.00
N ILE A 150 -21.89 6.79 -16.43
CA ILE A 150 -22.30 7.07 -15.07
C ILE A 150 -23.19 8.30 -15.11
N ILE A 151 -24.42 8.16 -14.61
CA ILE A 151 -25.33 9.29 -14.58
C ILE A 151 -25.30 9.80 -13.15
N TYR A 152 -24.78 11.01 -12.98
CA TYR A 152 -24.67 11.61 -11.66
C TYR A 152 -25.84 12.54 -11.37
N LEU A 153 -26.71 12.13 -10.45
CA LEU A 153 -27.85 12.93 -10.05
C LEU A 153 -27.36 13.94 -9.02
N ARG A 154 -26.90 15.08 -9.51
CA ARG A 154 -26.37 16.14 -8.66
C ARG A 154 -27.45 16.88 -7.88
N THR A 155 -27.27 16.98 -6.56
CA THR A 155 -28.22 17.70 -5.73
C THR A 155 -27.49 18.50 -4.66
N SER A 156 -28.25 19.21 -3.84
CA SER A 156 -27.66 19.98 -2.77
C SER A 156 -27.91 19.19 -1.49
N PRO A 157 -26.97 19.23 -0.53
CA PRO A 157 -27.15 18.49 0.72
C PRO A 157 -28.52 18.74 1.37
N GLU A 158 -29.00 19.98 1.28
CA GLU A 158 -30.28 20.32 1.89
C GLU A 158 -31.44 19.57 1.27
N VAL A 159 -31.47 19.53 -0.07
CA VAL A 159 -32.53 18.81 -0.77
C VAL A 159 -32.48 17.35 -0.37
N ALA A 160 -31.27 16.79 -0.41
CA ALA A 160 -31.04 15.39 -0.05
C ALA A 160 -31.54 15.12 1.37
N TYR A 161 -31.22 16.02 2.29
CA TYR A 161 -31.65 15.83 3.67
C TYR A 161 -33.17 15.76 3.76
N GLU A 162 -33.85 16.57 2.95
CA GLU A 162 -35.31 16.62 2.96
C GLU A 162 -35.90 15.29 2.52
N ARG A 163 -35.44 14.80 1.37
CA ARG A 163 -35.93 13.53 0.84
C ARG A 163 -35.65 12.37 1.78
N ILE A 164 -34.52 12.40 2.44
CA ILE A 164 -34.15 11.33 3.37
C ILE A 164 -35.12 11.25 4.51
N ARG A 165 -35.56 12.42 4.95
CA ARG A 165 -36.45 12.48 6.10
C ARG A 165 -37.88 12.14 5.74
N GLN A 166 -38.28 12.44 4.51
CA GLN A 166 -39.60 12.16 4.05
C GLN A 166 -39.77 10.66 3.85
N ARG A 167 -38.69 10.00 3.45
CA ARG A 167 -38.69 8.55 3.25
C ARG A 167 -38.80 7.88 4.63
N ALA A 168 -38.13 8.49 5.61
CA ALA A 168 -38.16 8.02 6.98
C ALA A 168 -37.67 6.60 7.27
N ARG A 169 -36.53 6.20 6.71
CA ARG A 169 -36.01 4.86 7.02
C ARG A 169 -35.55 4.98 8.46
N SER A 170 -36.02 4.06 9.31
CA SER A 170 -35.65 4.11 10.72
C SER A 170 -34.13 4.16 10.96
N GLU A 171 -33.35 3.45 10.14
CA GLU A 171 -31.90 3.44 10.30
C GLU A 171 -31.25 4.79 10.04
N GLU A 172 -31.87 5.56 9.15
CA GLU A 172 -31.34 6.88 8.78
C GLU A 172 -31.87 8.05 9.63
N SER A 173 -32.64 7.75 10.65
CA SER A 173 -33.21 8.79 11.51
C SER A 173 -32.22 9.75 12.17
N CYS A 174 -30.97 9.31 12.35
CA CYS A 174 -29.98 10.18 13.01
C CYS A 174 -28.93 10.79 12.07
N VAL A 175 -29.08 10.58 10.76
CA VAL A 175 -28.12 11.11 9.80
C VAL A 175 -28.13 12.64 9.76
N PRO A 176 -27.03 13.27 10.21
CA PRO A 176 -26.92 14.73 10.22
C PRO A 176 -26.61 15.35 8.87
N LEU A 177 -26.95 16.62 8.72
CA LEU A 177 -26.72 17.34 7.48
C LEU A 177 -25.24 17.39 7.12
N LYS A 178 -24.35 17.48 8.12
CA LYS A 178 -22.89 17.52 7.84
C LYS A 178 -22.43 16.29 7.07
N TYR A 179 -23.01 15.16 7.47
CA TYR A 179 -22.67 13.90 6.87
C TYR A 179 -22.97 13.96 5.39
N LEU A 180 -24.14 14.48 5.06
CA LEU A 180 -24.54 14.59 3.65
C LEU A 180 -23.67 15.60 2.91
N GLN A 181 -23.21 16.61 3.62
CA GLN A 181 -22.35 17.62 3.00
C GLN A 181 -21.00 17.01 2.68
N GLU A 182 -20.50 16.19 3.59
CA GLU A 182 -19.21 15.52 3.37
C GLU A 182 -19.32 14.59 2.17
N LEU A 183 -20.39 13.79 2.13
CA LEU A 183 -20.63 12.87 1.03
C LEU A 183 -20.79 13.62 -0.29
N HIS A 184 -21.46 14.77 -0.23
CA HIS A 184 -21.67 15.58 -1.42
C HIS A 184 -20.32 15.97 -2.03
N GLU A 185 -19.45 16.58 -1.23
CA GLU A 185 -18.13 16.99 -1.72
C GLU A 185 -17.39 15.81 -2.34
N LEU A 186 -17.45 14.66 -1.66
CA LEU A 186 -16.77 13.46 -2.15
C LEU A 186 -17.31 13.02 -3.51
N HIS A 187 -18.62 13.15 -3.72
CA HIS A 187 -19.21 12.79 -5.01
C HIS A 187 -18.73 13.83 -6.04
N GLU A 188 -18.66 15.09 -5.61
CA GLU A 188 -18.20 16.17 -6.49
C GLU A 188 -16.77 15.89 -6.95
N ASP A 189 -15.88 15.63 -6.00
CA ASP A 189 -14.48 15.35 -6.31
C ASP A 189 -14.29 14.22 -7.30
N TRP A 190 -15.10 13.17 -7.16
CA TRP A 190 -14.97 12.01 -8.01
C TRP A 190 -15.65 12.13 -9.38
N LEU A 191 -16.90 12.57 -9.38
CA LEU A 191 -17.67 12.65 -10.61
C LEU A 191 -17.53 13.91 -11.47
N ILE A 192 -17.17 15.04 -10.86
CA ILE A 192 -17.02 16.25 -11.65
C ILE A 192 -15.54 16.54 -11.88
N HIS A 193 -14.83 16.81 -10.78
CA HIS A 193 -13.41 17.14 -10.80
C HIS A 193 -12.53 15.92 -11.06
N GLN A 194 -13.12 14.73 -11.00
CA GLN A 194 -12.41 13.46 -11.20
C GLN A 194 -11.07 13.36 -10.47
N ARG A 195 -11.14 13.25 -9.15
CA ARG A 195 -9.94 13.12 -8.32
C ARG A 195 -9.61 11.64 -8.13
N ARG A 196 -10.64 10.79 -8.21
CA ARG A 196 -10.46 9.35 -8.05
C ARG A 196 -10.47 8.70 -9.43
N PRO A 197 -9.55 7.74 -9.66
CA PRO A 197 -9.42 7.02 -10.94
C PRO A 197 -10.74 6.47 -11.50
N GLN A 198 -11.43 7.29 -12.27
CA GLN A 198 -12.69 6.88 -12.87
C GLN A 198 -13.24 8.03 -13.72
N SER A 199 -14.48 8.43 -13.45
CA SER A 199 -15.12 9.51 -14.18
C SER A 199 -14.98 9.29 -15.69
N CYS A 200 -15.00 8.02 -16.09
CA CYS A 200 -14.89 7.60 -17.49
C CYS A 200 -15.75 8.50 -18.39
N LYS A 201 -17.05 8.27 -18.34
CA LYS A 201 -18.03 9.04 -19.10
C LYS A 201 -19.11 9.39 -18.12
N VAL A 202 -19.21 10.67 -17.77
CA VAL A 202 -20.21 11.08 -16.80
C VAL A 202 -21.21 12.09 -17.33
N LEU A 203 -22.48 11.83 -17.07
CA LEU A 203 -23.55 12.73 -17.48
C LEU A 203 -24.15 13.31 -16.21
N VAL A 204 -24.00 14.61 -16.02
CA VAL A 204 -24.52 15.27 -14.82
C VAL A 204 -25.96 15.73 -15.02
N LEU A 205 -26.82 15.43 -14.06
CA LEU A 205 -28.21 15.83 -14.11
C LEU A 205 -28.60 16.58 -12.84
N ASP A 206 -29.28 17.71 -12.99
CA ASP A 206 -29.71 18.48 -11.83
C ASP A 206 -30.89 17.73 -11.21
N ALA A 207 -30.62 17.04 -10.10
CA ALA A 207 -31.65 16.26 -9.44
C ALA A 207 -32.40 17.01 -8.34
N ASP A 208 -32.44 18.34 -8.45
CA ASP A 208 -33.16 19.14 -7.46
C ASP A 208 -34.59 19.36 -7.98
N LEU A 209 -35.12 18.32 -8.63
CA LEU A 209 -36.47 18.36 -9.20
C LEU A 209 -36.56 19.46 -10.26
N ASN A 210 -35.83 19.35 -11.28
N THR B 12 -16.91 -18.83 -15.55
CA THR B 12 -15.42 -18.77 -15.57
C THR B 12 -14.82 -18.09 -14.35
N LYS B 13 -13.77 -18.69 -13.84
CA LYS B 13 -13.11 -18.16 -12.67
C LYS B 13 -11.69 -17.61 -12.86
N TYR B 14 -11.40 -16.59 -12.07
CA TYR B 14 -10.10 -15.94 -12.12
C TYR B 14 -9.06 -17.02 -11.82
N ALA B 15 -7.92 -16.94 -12.50
CA ALA B 15 -6.83 -17.90 -12.32
C ALA B 15 -7.18 -19.33 -12.76
N GLU B 16 -8.26 -19.48 -13.51
CA GLU B 16 -8.70 -20.80 -13.99
C GLU B 16 -7.63 -21.39 -14.90
N GLY B 17 -7.26 -22.64 -14.65
CA GLY B 17 -6.25 -23.30 -15.45
C GLY B 17 -4.95 -22.52 -15.60
N THR B 18 -4.41 -22.06 -14.47
CA THR B 18 -3.15 -21.28 -14.44
C THR B 18 -2.28 -21.83 -13.32
N GLN B 19 -2.84 -22.76 -12.55
CA GLN B 19 -2.13 -23.29 -11.39
C GLN B 19 -1.63 -24.73 -11.54
N PRO B 20 -0.34 -24.93 -11.12
CA PRO B 20 0.23 -26.30 -11.11
C PRO B 20 -0.48 -27.21 -10.10
N PHE B 21 0.13 -28.39 -9.90
CA PHE B 21 -0.31 -29.31 -8.88
C PHE B 21 -0.09 -28.55 -7.58
N THR B 22 -1.12 -28.44 -6.75
CA THR B 22 -0.97 -27.69 -5.51
C THR B 22 -1.20 -28.49 -4.24
N VAL B 23 -0.25 -28.36 -3.33
CA VAL B 23 -0.32 -29.05 -2.05
C VAL B 23 -0.53 -28.03 -0.94
N LEU B 24 -1.45 -28.33 -0.04
CA LEU B 24 -1.74 -27.42 1.06
C LEU B 24 -1.26 -28.06 2.35
N ILE B 25 -0.48 -27.32 3.13
CA ILE B 25 0.01 -27.83 4.40
C ILE B 25 -0.89 -27.29 5.50
N GLU B 26 -1.61 -28.18 6.16
CA GLU B 26 -2.52 -27.79 7.23
C GLU B 26 -2.14 -28.43 8.55
N GLY B 27 -2.62 -27.84 9.64
CA GLY B 27 -2.32 -28.35 10.96
C GLY B 27 -2.62 -27.23 11.96
N ASN B 28 -2.79 -27.60 13.22
CA ASN B 28 -3.08 -26.62 14.26
C ASN B 28 -1.96 -25.60 14.41
N ILE B 29 -2.23 -24.53 15.14
CA ILE B 29 -1.21 -23.52 15.38
C ILE B 29 -0.04 -24.20 16.08
N GLY B 30 1.18 -23.95 15.57
CA GLY B 30 2.34 -24.56 16.17
C GLY B 30 2.51 -26.04 15.89
N SER B 31 1.80 -26.56 14.90
CA SER B 31 1.93 -27.99 14.56
C SER B 31 3.21 -28.24 13.76
N GLY B 32 3.85 -27.17 13.29
CA GLY B 32 5.08 -27.31 12.52
C GLY B 32 4.92 -27.22 11.01
N LYS B 33 3.93 -26.47 10.54
CA LYS B 33 3.71 -26.35 9.10
C LYS B 33 4.89 -25.69 8.39
N THR B 34 5.44 -24.65 9.00
CA THR B 34 6.57 -23.94 8.40
C THR B 34 7.83 -24.80 8.45
N THR B 35 8.06 -25.44 9.59
CA THR B 35 9.22 -26.32 9.77
C THR B 35 9.23 -27.39 8.69
N TYR B 36 8.05 -27.97 8.46
CA TYR B 36 7.89 -29.01 7.46
C TYR B 36 8.20 -28.49 6.07
N LEU B 37 7.78 -27.25 5.80
CA LEU B 37 8.00 -26.64 4.49
C LEU B 37 9.45 -26.22 4.23
N ASN B 38 10.21 -25.94 5.27
CA ASN B 38 11.60 -25.55 5.10
C ASN B 38 12.43 -26.69 4.52
N HIS B 39 11.85 -27.89 4.46
CA HIS B 39 12.54 -29.05 3.91
C HIS B 39 12.56 -29.06 2.38
N PHE B 40 11.63 -28.33 1.75
CA PHE B 40 11.57 -28.27 0.29
C PHE B 40 12.33 -27.04 -0.15
N GLU B 41 12.92 -26.36 0.82
CA GLU B 41 13.68 -25.14 0.62
C GLU B 41 14.72 -25.18 -0.51
N LYS B 42 15.44 -26.30 -0.63
CA LYS B 42 16.48 -26.45 -1.65
C LYS B 42 15.95 -26.68 -3.06
N TYR B 43 14.69 -27.06 -3.17
CA TYR B 43 14.09 -27.28 -4.48
C TYR B 43 13.35 -26.02 -4.90
N LYS B 44 13.75 -24.92 -4.25
CA LYS B 44 13.18 -23.59 -4.45
C LYS B 44 12.94 -23.21 -5.92
N ASN B 45 13.86 -23.60 -6.79
CA ASN B 45 13.76 -23.26 -8.21
C ASN B 45 13.00 -24.29 -9.05
N ASP B 46 12.24 -25.16 -8.40
CA ASP B 46 11.46 -26.17 -9.10
C ASP B 46 10.06 -26.26 -8.49
N ILE B 47 9.91 -25.72 -7.28
CA ILE B 47 8.65 -25.73 -6.55
C ILE B 47 8.35 -24.33 -6.01
N CYS B 48 7.14 -23.83 -6.27
CA CYS B 48 6.76 -22.52 -5.76
C CYS B 48 6.38 -22.71 -4.30
N LEU B 49 7.12 -22.10 -3.40
CA LEU B 49 6.87 -22.21 -1.97
C LEU B 49 6.31 -20.94 -1.33
N LEU B 50 5.07 -21.00 -0.85
CA LEU B 50 4.41 -19.86 -0.21
C LEU B 50 4.23 -20.21 1.26
N THR B 51 5.14 -19.71 2.09
CA THR B 51 5.12 -20.02 3.52
C THR B 51 4.95 -18.83 4.46
N GLU B 52 4.73 -19.15 5.73
CA GLU B 52 4.57 -18.18 6.80
C GLU B 52 3.77 -16.94 6.45
N PRO B 53 2.47 -17.11 6.11
CA PRO B 53 1.59 -15.99 5.75
C PRO B 53 1.36 -15.02 6.91
N VAL B 54 1.60 -15.50 8.13
CA VAL B 54 1.41 -14.69 9.33
C VAL B 54 2.17 -13.38 9.28
N GLU B 55 3.33 -13.38 8.62
CA GLU B 55 4.12 -12.18 8.54
C GLU B 55 3.36 -11.02 7.92
N LYS B 56 2.51 -11.31 6.94
CA LYS B 56 1.72 -10.27 6.31
C LYS B 56 0.67 -9.74 7.27
N TRP B 57 0.09 -10.64 8.06
CA TRP B 57 -0.96 -10.24 9.00
C TRP B 57 -0.41 -9.43 10.16
N ARG B 58 0.87 -9.60 10.46
CA ARG B 58 1.49 -8.87 11.56
C ARG B 58 1.96 -7.48 11.16
N ASN B 59 1.95 -7.19 9.86
CA ASN B 59 2.37 -5.89 9.38
C ASN B 59 1.66 -5.51 8.08
N VAL B 60 0.55 -4.82 8.20
CA VAL B 60 -0.23 -4.36 7.07
C VAL B 60 0.00 -2.85 7.01
N ASN B 61 0.99 -2.43 6.22
CA ASN B 61 1.36 -1.01 6.11
C ASN B 61 1.58 -0.48 7.52
N GLY B 62 2.30 -1.24 8.34
CA GLY B 62 2.57 -0.81 9.69
C GLY B 62 1.61 -1.27 10.77
N VAL B 63 0.41 -1.68 10.38
CA VAL B 63 -0.60 -2.14 11.36
C VAL B 63 -0.48 -3.63 11.67
N ASN B 64 -0.51 -3.99 12.94
CA ASN B 64 -0.41 -5.40 13.30
C ASN B 64 -1.81 -5.97 13.57
N LEU B 65 -2.46 -6.44 12.50
CA LEU B 65 -3.80 -7.01 12.62
C LEU B 65 -3.88 -8.20 13.54
N LEU B 66 -2.85 -9.05 13.52
CA LEU B 66 -2.85 -10.25 14.36
C LEU B 66 -2.95 -9.84 15.82
N GLU B 67 -2.16 -8.85 16.20
CA GLU B 67 -2.20 -8.42 17.57
C GLU B 67 -3.53 -7.80 17.94
N LEU B 68 -4.01 -6.88 17.10
CA LEU B 68 -5.27 -6.22 17.36
C LEU B 68 -6.39 -7.25 17.55
N MET B 69 -6.36 -8.32 16.76
CA MET B 69 -7.38 -9.35 16.85
C MET B 69 -7.35 -10.03 18.22
N TYR B 70 -6.17 -10.38 18.68
CA TYR B 70 -6.06 -11.05 19.98
C TYR B 70 -6.42 -10.15 21.16
N LYS B 71 -6.13 -8.86 21.05
CA LYS B 71 -6.44 -7.92 22.12
C LYS B 71 -7.91 -7.52 22.19
N ASP B 72 -8.57 -7.40 21.04
CA ASP B 72 -9.97 -6.98 20.99
C ASP B 72 -10.72 -7.70 19.86
N PRO B 73 -10.94 -9.01 20.02
CA PRO B 73 -11.64 -9.88 19.08
C PRO B 73 -13.00 -9.39 18.58
N LYS B 74 -13.83 -8.92 19.51
CA LYS B 74 -15.18 -8.44 19.15
C LYS B 74 -15.15 -7.39 18.07
N LYS B 75 -14.07 -6.64 18.03
CA LYS B 75 -13.94 -5.57 17.05
C LYS B 75 -13.01 -5.85 15.88
N TRP B 76 -11.93 -6.60 16.13
CA TRP B 76 -10.94 -6.86 15.09
C TRP B 76 -10.92 -8.23 14.43
N ALA B 77 -11.65 -9.18 14.99
CA ALA B 77 -11.69 -10.51 14.41
C ALA B 77 -12.20 -10.50 12.98
N MET B 78 -13.20 -9.67 12.69
CA MET B 78 -13.78 -9.61 11.37
C MET B 78 -12.82 -9.03 10.32
N PRO B 79 -12.28 -7.82 10.56
CA PRO B 79 -11.35 -7.28 9.56
C PRO B 79 -10.11 -8.20 9.42
N PHE B 80 -9.69 -8.79 10.52
CA PHE B 80 -8.53 -9.68 10.49
C PHE B 80 -8.80 -10.89 9.60
N GLN B 81 -9.91 -11.57 9.83
CA GLN B 81 -10.24 -12.75 9.02
C GLN B 81 -10.48 -12.37 7.56
N SER B 82 -11.02 -11.18 7.33
CA SER B 82 -11.25 -10.75 5.97
C SER B 82 -9.87 -10.56 5.26
N TYR B 83 -8.87 -10.12 6.01
CA TYR B 83 -7.55 -9.92 5.43
C TYR B 83 -6.84 -11.26 5.26
N VAL B 84 -7.08 -12.21 6.17
CA VAL B 84 -6.47 -13.53 6.07
C VAL B 84 -7.00 -14.16 4.79
N THR B 85 -8.32 -14.06 4.59
CA THR B 85 -8.98 -14.59 3.42
C THR B 85 -8.37 -13.99 2.14
N LEU B 86 -8.19 -12.67 2.14
CA LEU B 86 -7.62 -11.99 0.98
C LEU B 86 -6.22 -12.47 0.63
N THR B 87 -5.33 -12.51 1.63
CA THR B 87 -3.96 -12.94 1.37
C THR B 87 -3.86 -14.40 0.95
N MET B 88 -4.76 -15.25 1.45
CA MET B 88 -4.74 -16.66 1.06
C MET B 88 -5.14 -16.70 -0.40
N LEU B 89 -6.20 -15.99 -0.72
CA LEU B 89 -6.72 -15.92 -2.07
C LEU B 89 -5.62 -15.41 -3.02
N GLN B 90 -4.83 -14.45 -2.57
CA GLN B 90 -3.76 -13.92 -3.41
C GLN B 90 -2.71 -14.99 -3.65
N SER B 91 -2.43 -15.81 -2.64
CA SER B 91 -1.45 -16.87 -2.79
C SER B 91 -1.98 -18.01 -3.66
N HIS B 92 -3.23 -18.39 -3.46
CA HIS B 92 -3.85 -19.44 -4.25
C HIS B 92 -3.83 -19.09 -5.74
N THR B 93 -4.09 -17.82 -6.07
CA THR B 93 -4.13 -17.39 -7.46
C THR B 93 -2.83 -16.75 -7.97
N ALA B 94 -1.77 -16.77 -7.18
CA ALA B 94 -0.51 -16.17 -7.61
C ALA B 94 0.06 -16.97 -8.81
N PRO B 95 0.49 -16.25 -9.86
CA PRO B 95 1.06 -16.86 -11.06
C PRO B 95 2.41 -17.50 -10.81
N THR B 96 2.65 -18.62 -11.48
CA THR B 96 3.94 -19.31 -11.36
C THR B 96 4.15 -20.29 -12.52
N ASN B 97 5.42 -20.48 -12.86
CA ASN B 97 5.80 -21.38 -13.94
C ASN B 97 6.07 -22.78 -13.45
N LYS B 98 6.69 -22.86 -12.28
CA LYS B 98 7.03 -24.13 -11.68
C LYS B 98 5.90 -25.13 -11.81
N LYS B 99 6.26 -26.41 -11.76
CA LYS B 99 5.30 -27.49 -11.92
C LYS B 99 4.61 -27.92 -10.63
N LEU B 100 5.14 -27.49 -9.51
CA LEU B 100 4.57 -27.84 -8.21
C LEU B 100 4.45 -26.62 -7.31
N LYS B 101 3.36 -26.55 -6.56
CA LYS B 101 3.11 -25.43 -5.65
C LYS B 101 2.68 -25.95 -4.28
N ILE B 102 3.37 -25.49 -3.24
CA ILE B 102 3.07 -25.90 -1.87
C ILE B 102 2.81 -24.66 -1.02
N MET B 103 1.70 -24.65 -0.31
CA MET B 103 1.31 -23.53 0.54
C MET B 103 1.13 -23.88 1.99
N GLU B 104 1.43 -22.92 2.86
CA GLU B 104 1.19 -23.08 4.28
C GLU B 104 -0.19 -22.49 4.51
N ARG B 105 -1.11 -23.31 5.02
CA ARG B 105 -2.47 -22.83 5.23
C ARG B 105 -3.19 -22.64 3.92
N SER B 106 -4.46 -22.26 4.00
CA SER B 106 -5.27 -22.07 2.82
C SER B 106 -6.53 -21.33 3.22
N ILE B 107 -7.33 -20.94 2.23
CA ILE B 107 -8.55 -20.25 2.49
C ILE B 107 -9.54 -21.17 3.23
N PHE B 108 -9.39 -22.48 3.05
CA PHE B 108 -10.29 -23.45 3.69
C PHE B 108 -10.14 -23.57 5.20
N SER B 109 -8.90 -23.52 5.69
CA SER B 109 -8.70 -23.64 7.12
C SER B 109 -9.12 -22.33 7.79
N ALA B 110 -8.99 -21.23 7.06
CA ALA B 110 -9.41 -19.94 7.60
C ALA B 110 -10.92 -19.98 7.80
N ARG B 111 -11.64 -20.55 6.83
CA ARG B 111 -13.09 -20.63 6.89
C ARG B 111 -13.61 -21.71 7.83
N TYR B 112 -13.22 -22.95 7.56
CA TYR B 112 -13.68 -24.10 8.34
C TYR B 112 -13.21 -24.22 9.78
N CYS B 113 -12.04 -23.68 10.10
CA CYS B 113 -11.53 -23.79 11.45
C CYS B 113 -11.56 -22.51 12.25
N PHE B 114 -10.87 -21.48 11.76
CA PHE B 114 -10.83 -20.23 12.50
C PHE B 114 -12.10 -19.38 12.49
N VAL B 115 -12.69 -19.15 11.31
CA VAL B 115 -13.92 -18.36 11.29
C VAL B 115 -15.01 -19.09 12.08
N GLU B 116 -15.13 -20.39 11.86
CA GLU B 116 -16.12 -21.19 12.57
C GLU B 116 -15.92 -21.11 14.10
N ASN B 117 -14.68 -21.27 14.56
CA ASN B 117 -14.43 -21.22 15.99
C ASN B 117 -14.74 -19.86 16.56
N MET B 118 -14.43 -18.80 15.81
CA MET B 118 -14.70 -17.45 16.26
C MET B 118 -16.19 -17.16 16.31
N ARG B 119 -16.96 -17.88 15.51
CA ARG B 119 -18.40 -17.69 15.55
C ARG B 119 -18.86 -18.31 16.86
N ARG B 120 -18.35 -19.51 17.15
CA ARG B 120 -18.71 -20.23 18.37
C ARG B 120 -18.34 -19.56 19.69
N ASN B 121 -17.18 -18.93 19.78
CA ASN B 121 -16.80 -18.30 21.04
C ASN B 121 -17.28 -16.86 21.16
N GLY B 122 -18.10 -16.43 20.21
CA GLY B 122 -18.64 -15.07 20.24
C GLY B 122 -17.76 -13.95 19.71
N SER B 123 -16.54 -14.26 19.28
CA SER B 123 -15.65 -13.22 18.76
C SER B 123 -16.27 -12.54 17.55
N LEU B 124 -16.99 -13.32 16.73
CA LEU B 124 -17.65 -12.80 15.54
C LEU B 124 -19.16 -12.79 15.74
N GLU B 125 -19.74 -11.59 15.80
CA GLU B 125 -21.17 -11.46 15.95
C GLU B 125 -21.73 -12.11 14.72
N GLN B 126 -22.98 -12.51 14.81
CA GLN B 126 -23.57 -13.15 13.68
C GLN B 126 -23.50 -12.37 12.36
N GLY B 127 -23.69 -11.06 12.44
CA GLY B 127 -23.66 -10.24 11.24
C GLY B 127 -22.30 -10.28 10.56
N MET B 128 -21.23 -10.41 11.36
CA MET B 128 -19.87 -10.48 10.82
C MET B 128 -19.63 -11.85 10.21
N TYR B 129 -20.10 -12.88 10.89
CA TYR B 129 -19.96 -14.24 10.42
C TYR B 129 -20.63 -14.37 9.05
N ASN B 130 -21.86 -13.86 8.93
CA ASN B 130 -22.59 -13.94 7.68
C ASN B 130 -21.87 -13.22 6.54
N THR B 131 -21.37 -12.02 6.80
CA THR B 131 -20.64 -11.27 5.77
C THR B 131 -19.47 -12.11 5.27
N LEU B 132 -18.66 -12.63 6.19
CA LEU B 132 -17.52 -13.46 5.79
C LEU B 132 -18.00 -14.68 4.99
N GLU B 133 -19.04 -15.36 5.46
CA GLU B 133 -19.55 -16.52 4.75
C GLU B 133 -20.05 -16.18 3.34
N GLU B 134 -20.73 -15.04 3.20
CA GLU B 134 -21.21 -14.65 1.90
C GLU B 134 -20.02 -14.40 0.97
N TRP B 135 -18.92 -13.90 1.52
CA TRP B 135 -17.74 -13.67 0.68
C TRP B 135 -17.18 -15.02 0.24
N TYR B 136 -17.09 -15.97 1.16
CA TYR B 136 -16.58 -17.30 0.81
C TYR B 136 -17.41 -17.94 -0.29
N LYS B 137 -18.73 -17.80 -0.21
CA LYS B 137 -19.60 -18.36 -1.26
C LYS B 137 -19.32 -17.69 -2.60
N PHE B 138 -19.25 -16.37 -2.62
CA PHE B 138 -18.96 -15.68 -3.88
C PHE B 138 -17.58 -16.07 -4.42
N ILE B 139 -16.63 -16.33 -3.51
CA ILE B 139 -15.29 -16.71 -3.94
C ILE B 139 -15.27 -18.10 -4.58
N GLU B 140 -16.04 -19.04 -4.04
CA GLU B 140 -16.08 -20.38 -4.60
C GLU B 140 -16.55 -20.33 -6.06
N GLU B 141 -17.40 -19.37 -6.39
CA GLU B 141 -17.95 -19.24 -7.73
C GLU B 141 -17.21 -18.34 -8.71
N SER B 142 -16.43 -17.40 -8.20
CA SER B 142 -15.74 -16.47 -9.07
C SER B 142 -14.24 -16.66 -9.16
N ILE B 143 -13.67 -17.40 -8.21
CA ILE B 143 -12.23 -17.58 -8.22
C ILE B 143 -11.83 -19.04 -8.08
N HIS B 144 -10.80 -19.40 -8.85
CA HIS B 144 -10.30 -20.76 -8.86
C HIS B 144 -9.25 -21.01 -7.77
N VAL B 145 -9.51 -22.00 -6.94
CA VAL B 145 -8.58 -22.36 -5.87
C VAL B 145 -8.10 -23.78 -6.08
N GLN B 146 -6.88 -23.88 -6.61
CA GLN B 146 -6.25 -25.17 -6.90
C GLN B 146 -5.93 -25.91 -5.60
N ALA B 147 -6.50 -27.10 -5.45
CA ALA B 147 -6.27 -27.91 -4.25
C ALA B 147 -6.20 -29.38 -4.65
N ASP B 148 -4.99 -29.90 -4.81
CA ASP B 148 -4.79 -31.29 -5.22
C ASP B 148 -4.53 -32.23 -4.05
N LEU B 149 -3.68 -31.79 -3.13
CA LEU B 149 -3.37 -32.60 -1.97
C LEU B 149 -3.23 -31.74 -0.72
N ILE B 150 -3.67 -32.28 0.41
CA ILE B 150 -3.57 -31.59 1.68
C ILE B 150 -2.80 -32.47 2.65
N ILE B 151 -1.68 -31.95 3.16
CA ILE B 151 -0.90 -32.69 4.12
C ILE B 151 -1.28 -32.16 5.50
N TYR B 152 -1.92 -33.02 6.30
CA TYR B 152 -2.36 -32.63 7.62
C TYR B 152 -1.36 -33.05 8.71
N LEU B 153 -0.67 -32.07 9.28
CA LEU B 153 0.30 -32.33 10.34
C LEU B 153 -0.49 -32.46 11.63
N ARG B 154 -0.92 -33.68 11.92
CA ARG B 154 -1.71 -33.98 13.11
C ARG B 154 -0.89 -33.96 14.39
N THR B 155 -1.35 -33.20 15.38
CA THR B 155 -0.65 -33.11 16.66
C THR B 155 -1.66 -33.06 17.80
N SER B 156 -1.16 -33.04 19.03
CA SER B 156 -2.03 -32.96 20.18
C SER B 156 -1.97 -31.52 20.66
N PRO B 157 -3.10 -30.99 21.19
CA PRO B 157 -3.13 -29.61 21.66
C PRO B 157 -1.97 -29.27 22.59
N GLU B 158 -1.57 -30.22 23.44
CA GLU B 158 -0.49 -29.99 24.38
C GLU B 158 0.84 -29.74 23.67
N VAL B 159 1.16 -30.55 22.67
CA VAL B 159 2.40 -30.39 21.92
C VAL B 159 2.38 -29.02 21.25
N ALA B 160 1.26 -28.72 20.60
CA ALA B 160 1.09 -27.46 19.91
C ALA B 160 1.30 -26.30 20.87
N TYR B 161 0.72 -26.39 22.06
CA TYR B 161 0.85 -25.33 23.05
C TYR B 161 2.32 -25.10 23.39
N GLU B 162 3.09 -26.19 23.47
CA GLU B 162 4.51 -26.11 23.81
C GLU B 162 5.28 -25.35 22.76
N ARG B 163 5.12 -25.76 21.51
CA ARG B 163 5.80 -25.11 20.41
C ARG B 163 5.42 -23.64 20.28
N ILE B 164 4.17 -23.32 20.55
CA ILE B 164 3.71 -21.95 20.43
C ILE B 164 4.44 -21.10 21.41
N ARG B 165 4.72 -21.63 22.55
CA ARG B 165 5.32 -20.75 23.51
C ARG B 165 6.84 -20.72 23.46
N GLN B 166 7.43 -21.68 22.78
CA GLN B 166 8.86 -21.70 22.64
C GLN B 166 9.16 -20.68 21.57
N ARG B 167 8.23 -20.53 20.62
CA ARG B 167 8.39 -19.56 19.53
C ARG B 167 8.25 -18.15 20.12
N ALA B 168 7.35 -18.03 21.09
CA ALA B 168 7.12 -16.78 21.79
C ALA B 168 6.71 -15.55 20.97
N ARG B 169 5.76 -15.69 20.06
CA ARG B 169 5.28 -14.53 19.30
C ARG B 169 4.53 -13.70 20.34
N SER B 170 4.87 -12.43 20.47
CA SER B 170 4.22 -11.58 21.45
C SER B 170 2.68 -11.60 21.35
N GLU B 171 2.15 -11.63 20.13
CA GLU B 171 0.70 -11.64 19.92
C GLU B 171 0.02 -12.90 20.47
N GLU B 172 0.75 -13.99 20.46
CA GLU B 172 0.22 -15.28 20.93
C GLU B 172 0.45 -15.58 22.41
N SER B 173 1.02 -14.63 23.13
CA SER B 173 1.30 -14.84 24.55
C SER B 173 0.10 -15.20 25.44
N CYS B 174 -1.12 -14.84 25.04
CA CYS B 174 -2.28 -15.14 25.86
C CYS B 174 -3.16 -16.29 25.35
N VAL B 175 -2.73 -16.96 24.29
CA VAL B 175 -3.50 -18.07 23.71
C VAL B 175 -3.62 -19.24 24.68
N PRO B 176 -4.84 -19.53 25.17
CA PRO B 176 -5.06 -20.62 26.10
C PRO B 176 -5.13 -22.00 25.45
N LEU B 177 -4.85 -23.03 26.24
CA LEU B 177 -4.88 -24.39 25.76
C LEU B 177 -6.26 -24.79 25.22
N LYS B 178 -7.33 -24.25 25.80
CA LYS B 178 -8.68 -24.59 25.35
C LYS B 178 -8.87 -24.19 23.89
N TYR B 179 -8.33 -23.02 23.55
CA TYR B 179 -8.44 -22.48 22.21
C TYR B 179 -7.83 -23.49 21.24
N LEU B 180 -6.66 -24.01 21.59
CA LEU B 180 -5.98 -24.97 20.74
C LEU B 180 -6.73 -26.28 20.66
N GLN B 181 -7.44 -26.62 21.73
CA GLN B 181 -8.22 -27.85 21.74
C GLN B 181 -9.42 -27.69 20.81
N GLU B 182 -10.05 -26.53 20.84
CA GLU B 182 -11.19 -26.25 19.97
C GLU B 182 -10.75 -26.32 18.51
N LEU B 183 -9.62 -25.68 18.20
CA LEU B 183 -9.09 -25.67 16.85
C LEU B 183 -8.73 -27.07 16.40
N HIS B 184 -8.17 -27.85 17.33
CA HIS B 184 -7.79 -29.22 17.03
C HIS B 184 -9.00 -30.01 16.56
N GLU B 185 -10.07 -30.02 17.35
CA GLU B 185 -11.28 -30.76 16.97
C GLU B 185 -11.79 -30.33 15.60
N LEU B 186 -11.78 -29.01 15.35
CA LEU B 186 -12.23 -28.46 14.07
C LEU B 186 -11.36 -28.96 12.91
N HIS B 187 -10.05 -29.11 13.14
CA HIS B 187 -9.18 -29.62 12.09
C HIS B 187 -9.53 -31.11 11.89
N GLU B 188 -9.79 -31.79 13.01
CA GLU B 188 -10.14 -33.21 12.96
C GLU B 188 -11.42 -33.39 12.14
N ASP B 189 -12.45 -32.64 12.49
CA ASP B 189 -13.73 -32.75 11.78
C ASP B 189 -13.61 -32.55 10.28
N TRP B 190 -12.77 -31.61 9.87
CA TRP B 190 -12.60 -31.30 8.47
C TRP B 190 -11.68 -32.22 7.70
N LEU B 191 -10.49 -32.44 8.22
CA LEU B 191 -9.50 -33.27 7.55
C LEU B 191 -9.60 -34.78 7.74
N ILE B 192 -10.34 -35.20 8.76
CA ILE B 192 -10.50 -36.61 9.07
C ILE B 192 -11.97 -37.08 9.03
N HIS B 193 -12.74 -36.66 10.02
CA HIS B 193 -14.16 -37.04 10.13
C HIS B 193 -15.05 -36.57 8.98
N GLN B 194 -14.56 -35.63 8.19
CA GLN B 194 -15.30 -35.09 7.05
C GLN B 194 -16.69 -34.58 7.41
N ARG B 195 -16.75 -33.57 8.22
CA ARG B 195 -18.00 -32.99 8.65
C ARG B 195 -18.27 -31.71 7.85
N ARG B 196 -17.52 -31.56 6.78
CA ARG B 196 -17.71 -30.44 5.89
C ARG B 196 -17.01 -30.55 4.55
N PRO B 197 -17.31 -29.49 3.78
CA PRO B 197 -17.00 -29.33 2.32
C PRO B 197 -15.66 -29.62 1.64
N GLN B 198 -15.19 -30.86 1.50
CA GLN B 198 -13.90 -31.03 0.84
C GLN B 198 -13.71 -32.48 0.40
N SER B 199 -13.55 -32.62 -0.92
CA SER B 199 -13.39 -33.86 -1.56
C SER B 199 -11.97 -33.97 -2.09
N CYS B 200 -11.06 -33.35 -1.36
CA CYS B 200 -9.65 -33.35 -1.70
C CYS B 200 -8.94 -34.44 -0.91
N LYS B 201 -7.96 -35.08 -1.53
CA LYS B 201 -7.22 -36.15 -0.88
C LYS B 201 -6.39 -35.60 0.28
N VAL B 202 -6.33 -36.34 1.39
CA VAL B 202 -5.58 -35.90 2.55
C VAL B 202 -4.57 -36.94 3.05
N LEU B 203 -3.36 -36.47 3.33
CA LEU B 203 -2.31 -37.33 3.84
C LEU B 203 -2.04 -36.90 5.29
N VAL B 204 -2.35 -37.78 6.24
CA VAL B 204 -2.14 -37.46 7.64
C VAL B 204 -0.73 -37.83 8.11
N LEU B 205 -0.08 -36.91 8.80
CA LEU B 205 1.27 -37.13 9.31
C LEU B 205 1.32 -36.84 10.81
N ASP B 206 1.92 -37.74 11.58
CA ASP B 206 2.02 -37.54 13.01
C ASP B 206 3.10 -36.48 13.25
N ALA B 207 2.67 -35.27 13.54
CA ALA B 207 3.60 -34.16 13.75
C ALA B 207 4.03 -33.97 15.19
N ASP B 208 3.98 -35.03 15.99
CA ASP B 208 4.41 -34.95 17.38
C ASP B 208 5.89 -35.34 17.45
N LEU B 209 6.64 -34.94 16.42
CA LEU B 209 8.06 -35.24 16.31
C LEU B 209 8.28 -36.75 16.26
N ASN B 210 7.78 -37.37 15.29
N THR C 12 10.13 0.62 -19.11
CA THR C 12 11.64 0.69 -19.18
C THR C 12 12.31 1.31 -17.95
N LYS C 13 13.36 0.65 -17.50
CA LYS C 13 14.09 1.09 -16.34
C LYS C 13 15.49 1.68 -16.55
N TYR C 14 15.80 2.67 -15.71
CA TYR C 14 17.10 3.32 -15.75
C TYR C 14 18.17 2.24 -15.58
N ALA C 15 19.27 2.36 -16.31
CA ALA C 15 20.38 1.40 -16.25
C ALA C 15 20.00 -0.01 -16.76
N GLU C 16 18.89 -0.11 -17.47
CA GLU C 16 18.44 -1.38 -18.03
C GLU C 16 19.48 -1.92 -19.02
N GLY C 17 19.86 -3.19 -18.88
CA GLY C 17 20.84 -3.77 -19.78
C GLY C 17 22.12 -2.97 -19.91
N THR C 18 22.71 -2.58 -18.78
CA THR C 18 23.96 -1.81 -18.75
C THR C 18 24.89 -2.42 -17.70
N GLN C 19 24.36 -3.41 -16.99
CA GLN C 19 25.11 -4.04 -15.91
C GLN C 19 25.61 -5.45 -16.19
N PRO C 20 26.86 -5.64 -15.83
CA PRO C 20 27.49 -6.96 -15.93
C PRO C 20 26.87 -8.00 -14.97
N PHE C 21 27.52 -9.15 -14.89
CA PHE C 21 27.11 -10.16 -13.91
C PHE C 21 27.33 -9.52 -12.57
N THR C 22 26.33 -9.47 -11.69
CA THR C 22 26.53 -8.81 -10.40
C THR C 22 26.37 -9.71 -9.19
N VAL C 23 27.35 -9.64 -8.31
CA VAL C 23 27.34 -10.42 -7.09
C VAL C 23 27.18 -9.48 -5.91
N LEU C 24 26.30 -9.84 -4.98
CA LEU C 24 26.05 -9.03 -3.80
C LEU C 24 26.60 -9.74 -2.58
N ILE C 25 27.40 -9.05 -1.78
CA ILE C 25 27.95 -9.66 -0.58
C ILE C 25 27.09 -9.20 0.60
N GLU C 26 26.40 -10.15 1.22
CA GLU C 26 25.54 -9.84 2.35
C GLU C 26 25.98 -10.55 3.61
N GLY C 27 25.57 -10.04 4.76
CA GLY C 27 25.93 -10.63 6.02
C GLY C 27 25.67 -9.61 7.11
N ASN C 28 25.54 -10.06 8.35
CA ASN C 28 25.27 -9.18 9.47
C ASN C 28 26.40 -8.15 9.62
N ILE C 29 26.17 -7.15 10.47
CA ILE C 29 27.17 -6.14 10.73
C ILE C 29 28.38 -6.88 11.30
N GLY C 30 29.56 -6.57 10.78
CA GLY C 30 30.77 -7.21 11.27
C GLY C 30 30.94 -8.66 10.88
N SER C 31 30.19 -9.12 9.89
CA SER C 31 30.31 -10.52 9.44
C SER C 31 31.56 -10.70 8.57
N GLY C 32 32.17 -9.60 8.16
CA GLY C 32 33.36 -9.69 7.33
C GLY C 32 33.13 -9.50 5.84
N LYS C 33 32.12 -8.72 5.47
CA LYS C 33 31.84 -8.49 4.06
C LYS C 33 32.98 -7.77 3.35
N THR C 34 33.55 -6.76 4.00
CA THR C 34 34.66 -6.01 3.40
C THR C 34 35.92 -6.87 3.34
N THR C 35 36.20 -7.57 4.43
CA THR C 35 37.38 -8.45 4.49
C THR C 35 37.34 -9.44 3.33
N TYR C 36 36.16 -10.03 3.11
CA TYR C 36 35.96 -11.00 2.04
C TYR C 36 36.20 -10.37 0.68
N LEU C 37 35.77 -9.13 0.52
CA LEU C 37 35.93 -8.42 -0.74
C LEU C 37 37.37 -7.99 -1.04
N ASN C 38 38.16 -7.77 -0.01
CA ASN C 38 39.55 -7.36 -0.22
C ASN C 38 40.35 -8.45 -0.91
N HIS C 39 39.76 -9.64 -1.04
CA HIS C 39 40.44 -10.75 -1.68
C HIS C 39 40.39 -10.66 -3.21
N PHE C 40 39.45 -9.90 -3.74
CA PHE C 40 39.33 -9.74 -5.20
C PHE C 40 40.06 -8.47 -5.59
N GLU C 41 40.69 -7.86 -4.59
CA GLU C 41 41.44 -6.62 -4.74
C GLU C 41 42.42 -6.58 -5.92
N LYS C 42 43.14 -7.68 -6.13
CA LYS C 42 44.13 -7.75 -7.20
C LYS C 42 43.55 -7.87 -8.61
N TYR C 43 42.28 -8.25 -8.70
CA TYR C 43 41.62 -8.39 -10.00
C TYR C 43 40.87 -7.10 -10.28
N LYS C 44 41.28 -6.05 -9.57
CA LYS C 44 40.70 -4.71 -9.66
C LYS C 44 40.41 -4.25 -11.08
N ASN C 45 41.30 -4.56 -12.02
CA ASN C 45 41.13 -4.13 -13.40
C ASN C 45 40.34 -5.09 -14.28
N ASP C 46 39.60 -6.01 -13.66
CA ASP C 46 38.79 -6.98 -14.40
C ASP C 46 37.42 -7.12 -13.73
N ILE C 47 37.33 -6.66 -12.49
CA ILE C 47 36.11 -6.73 -11.71
C ILE C 47 35.83 -5.37 -11.06
N CYS C 48 34.60 -4.87 -11.22
CA CYS C 48 34.23 -3.60 -10.61
C CYS C 48 33.90 -3.90 -9.15
N LEU C 49 34.69 -3.33 -8.24
CA LEU C 49 34.50 -3.56 -6.82
C LEU C 49 33.97 -2.33 -6.07
N LEU C 50 32.75 -2.44 -5.56
CA LEU C 50 32.12 -1.36 -4.79
C LEU C 50 32.02 -1.81 -3.34
N THR C 51 32.96 -1.35 -2.51
CA THR C 51 32.99 -1.78 -1.12
C THR C 51 32.87 -0.66 -0.09
N GLU C 52 32.69 -1.07 1.17
CA GLU C 52 32.58 -0.18 2.32
C GLU C 52 31.74 1.09 2.10
N PRO C 53 30.45 0.93 1.79
CA PRO C 53 29.54 2.06 1.55
C PRO C 53 29.35 2.94 2.79
N VAL C 54 29.66 2.38 3.96
CA VAL C 54 29.53 3.11 5.22
C VAL C 54 30.28 4.43 5.23
N GLU C 55 31.40 4.48 4.53
CA GLU C 55 32.20 5.71 4.51
C GLU C 55 31.39 6.89 4.00
N LYS C 56 30.52 6.66 3.03
CA LYS C 56 29.69 7.74 2.51
C LYS C 56 28.68 8.19 3.55
N TRP C 57 28.13 7.24 4.30
CA TRP C 57 27.13 7.57 5.30
C TRP C 57 27.72 8.31 6.50
N ARG C 58 29.01 8.12 6.73
CA ARG C 58 29.68 8.77 7.85
C ARG C 58 30.11 10.18 7.54
N ASN C 59 30.07 10.56 6.26
CA ASN C 59 30.46 11.91 5.87
C ASN C 59 29.70 12.39 4.62
N VAL C 60 28.58 13.07 4.86
CA VAL C 60 27.76 13.59 3.79
C VAL C 60 27.98 15.10 3.84
N ASN C 61 28.93 15.58 3.03
CA ASN C 61 29.27 17.00 3.01
C ASN C 61 29.56 17.43 4.44
N GLY C 62 30.34 16.62 5.16
CA GLY C 62 30.66 16.97 6.53
C GLY C 62 29.72 16.42 7.61
N VAL C 63 28.51 16.01 7.24
CA VAL C 63 27.55 15.48 8.22
C VAL C 63 27.70 13.98 8.41
N ASN C 64 27.70 13.53 9.66
CA ASN C 64 27.83 12.10 9.92
C ASN C 64 26.44 11.50 10.19
N LEU C 65 25.76 11.08 9.13
CA LEU C 65 24.42 10.50 9.25
C LEU C 65 24.37 9.24 10.10
N LEU C 66 25.40 8.39 9.96
CA LEU C 66 25.46 7.14 10.72
C LEU C 66 25.42 7.45 12.22
N GLU C 67 26.22 8.42 12.63
CA GLU C 67 26.25 8.77 14.03
C GLU C 67 24.93 9.34 14.50
N LEU C 68 24.40 10.31 13.76
CA LEU C 68 23.15 10.94 14.10
C LEU C 68 22.04 9.91 14.27
N MET C 69 22.04 8.90 13.40
CA MET C 69 21.02 7.85 13.46
C MET C 69 21.11 7.07 14.76
N TYR C 70 22.33 6.70 15.14
CA TYR C 70 22.49 5.95 16.39
C TYR C 70 22.19 6.75 17.64
N LYS C 71 22.45 8.05 17.61
CA LYS C 71 22.19 8.90 18.77
C LYS C 71 20.73 9.29 18.93
N ASP C 72 20.04 9.50 17.81
CA ASP C 72 18.64 9.91 17.86
C ASP C 72 17.84 9.26 16.71
N PRO C 73 17.61 7.94 16.81
CA PRO C 73 16.88 7.14 15.82
C PRO C 73 15.50 7.67 15.42
N LYS C 74 14.69 8.05 16.41
CA LYS C 74 13.34 8.55 16.13
C LYS C 74 13.33 9.68 15.13
N LYS C 75 14.40 10.44 15.11
CA LYS C 75 14.48 11.58 14.21
C LYS C 75 15.36 11.38 12.97
N TRP C 76 16.46 10.64 13.12
CA TRP C 76 17.40 10.45 12.03
C TRP C 76 17.40 9.14 11.28
N ALA C 77 16.69 8.13 11.80
CA ALA C 77 16.64 6.83 11.14
C ALA C 77 16.07 6.96 9.73
N MET C 78 15.06 7.81 9.55
CA MET C 78 14.43 7.95 8.24
C MET C 78 15.33 8.61 7.20
N PRO C 79 15.88 9.80 7.50
CA PRO C 79 16.76 10.42 6.50
C PRO C 79 17.99 9.53 6.24
N PHE C 80 18.49 8.88 7.29
CA PHE C 80 19.63 7.98 7.14
C PHE C 80 19.33 6.83 6.17
N GLN C 81 18.23 6.12 6.40
CA GLN C 81 17.87 5.00 5.54
C GLN C 81 17.56 5.48 4.12
N SER C 82 17.01 6.68 4.00
CA SER C 82 16.72 7.21 2.69
C SER C 82 18.05 7.45 1.94
N TYR C 83 19.10 7.86 2.66
CA TYR C 83 20.38 8.09 2.04
C TYR C 83 21.09 6.77 1.74
N VAL C 84 20.91 5.77 2.61
CA VAL C 84 21.52 4.45 2.37
C VAL C 84 20.90 3.92 1.09
N THR C 85 19.59 4.05 0.96
CA THR C 85 18.86 3.59 -0.23
C THR C 85 19.43 4.26 -1.48
N LEU C 86 19.60 5.57 -1.41
CA LEU C 86 20.13 6.34 -2.54
C LEU C 86 21.52 5.89 -2.97
N THR C 87 22.45 5.80 -2.02
CA THR C 87 23.80 5.40 -2.36
C THR C 87 23.88 3.97 -2.89
N MET C 88 23.02 3.08 -2.41
CA MET C 88 23.02 1.69 -2.91
C MET C 88 22.55 1.75 -4.35
N LEU C 89 21.49 2.49 -4.57
CA LEU C 89 20.91 2.65 -5.89
C LEU C 89 21.96 3.22 -6.85
N GLN C 90 22.77 4.16 -6.38
CA GLN C 90 23.80 4.76 -7.21
C GLN C 90 24.85 3.70 -7.57
N SER C 91 25.19 2.82 -6.64
CA SER C 91 26.15 1.77 -6.90
C SER C 91 25.59 0.71 -7.83
N HIS C 92 24.34 0.31 -7.60
CA HIS C 92 23.69 -0.68 -8.44
C HIS C 92 23.65 -0.24 -9.90
N THR C 93 23.37 1.06 -10.12
CA THR C 93 23.28 1.58 -11.48
C THR C 93 24.55 2.25 -12.01
N ALA C 94 25.63 2.20 -11.25
CA ALA C 94 26.88 2.82 -11.69
C ALA C 94 27.40 2.12 -12.95
N PRO C 95 27.77 2.91 -13.98
CA PRO C 95 28.29 2.39 -15.25
C PRO C 95 29.65 1.73 -15.11
N THR C 96 29.87 0.67 -15.86
CA THR C 96 31.16 -0.02 -15.85
C THR C 96 31.33 -0.91 -17.08
N ASN C 97 32.58 -1.08 -17.49
CA ASN C 97 32.92 -1.88 -18.65
C ASN C 97 33.22 -3.32 -18.26
N LYS C 98 33.89 -3.47 -17.12
CA LYS C 98 34.26 -4.78 -16.63
C LYS C 98 33.11 -5.78 -16.79
N LYS C 99 33.49 -7.05 -16.84
CA LYS C 99 32.53 -8.14 -17.05
C LYS C 99 31.89 -8.66 -15.76
N LEU C 100 32.47 -8.30 -14.63
CA LEU C 100 31.96 -8.75 -13.34
C LEU C 100 31.87 -7.59 -12.35
N LYS C 101 30.81 -7.58 -11.56
CA LYS C 101 30.59 -6.53 -10.56
C LYS C 101 30.23 -7.15 -9.21
N ILE C 102 30.97 -6.76 -8.17
CA ILE C 102 30.72 -7.27 -6.83
C ILE C 102 30.50 -6.09 -5.87
N MET C 103 29.41 -6.15 -5.12
CA MET C 103 29.06 -5.09 -4.19
C MET C 103 28.94 -5.56 -2.74
N GLU C 104 29.28 -4.66 -1.82
CA GLU C 104 29.11 -4.92 -0.42
C GLU C 104 27.74 -4.35 -0.09
N ARG C 105 26.85 -5.20 0.42
CA ARG C 105 25.48 -4.76 0.72
C ARG C 105 24.71 -4.49 -0.56
N SER C 106 23.45 -4.12 -0.38
CA SER C 106 22.58 -3.83 -1.51
C SER C 106 21.34 -3.12 -1.00
N ILE C 107 20.50 -2.69 -1.94
CA ILE C 107 19.29 -2.01 -1.57
C ILE C 107 18.33 -2.97 -0.86
N PHE C 108 18.48 -4.28 -1.13
CA PHE C 108 17.60 -5.30 -0.54
C PHE C 108 17.83 -5.52 0.96
N SER C 109 19.09 -5.50 1.40
CA SER C 109 19.35 -5.72 2.82
C SER C 109 18.94 -4.47 3.58
N ALA C 110 19.04 -3.33 2.92
CA ALA C 110 18.66 -2.08 3.55
C ALA C 110 17.15 -2.12 3.81
N ARG C 111 16.40 -2.62 2.85
CA ARG C 111 14.95 -2.73 2.97
C ARG C 111 14.46 -3.88 3.86
N TYR C 112 14.84 -5.10 3.49
CA TYR C 112 14.41 -6.30 4.21
C TYR C 112 14.95 -6.52 5.62
N CYS C 113 16.12 -5.99 5.92
CA CYS C 113 16.70 -6.19 7.23
C CYS C 113 16.70 -4.96 8.12
N PHE C 114 17.36 -3.89 7.66
CA PHE C 114 17.45 -2.69 8.47
C PHE C 114 16.18 -1.85 8.59
N VAL C 115 15.53 -1.54 7.48
CA VAL C 115 14.31 -0.76 7.57
C VAL C 115 13.26 -1.56 8.35
N GLU C 116 13.13 -2.85 8.05
CA GLU C 116 12.17 -3.68 8.73
C GLU C 116 12.43 -3.73 10.24
N ASN C 117 13.68 -3.90 10.63
CA ASN C 117 13.99 -3.97 12.06
C ASN C 117 13.71 -2.64 12.74
N MET C 118 13.97 -1.54 12.04
CA MET C 118 13.73 -0.21 12.60
C MET C 118 12.24 0.06 12.73
N ARG C 119 11.44 -0.61 11.93
CA ARG C 119 10.00 -0.43 12.04
C ARG C 119 9.60 -1.16 13.33
N ARG C 120 10.12 -2.37 13.50
CA ARG C 120 9.81 -3.17 14.68
C ARG C 120 10.23 -2.59 16.02
N ASN C 121 11.40 -1.96 16.12
CA ASN C 121 11.82 -1.42 17.40
C ASN C 121 11.35 0.00 17.64
N GLY C 122 10.49 0.49 16.77
CA GLY C 122 9.96 1.84 16.92
C GLY C 122 10.81 3.00 16.43
N SER C 123 12.01 2.73 15.93
CA SER C 123 12.87 3.81 15.43
C SER C 123 12.19 4.58 14.28
N LEU C 124 11.45 3.85 13.45
CA LEU C 124 10.74 4.47 12.32
C LEU C 124 9.24 4.45 12.59
N GLU C 125 8.66 5.64 12.77
CA GLU C 125 7.23 5.75 12.99
C GLU C 125 6.60 5.19 11.74
N GLN C 126 5.37 4.77 11.85
CA GLN C 126 4.73 4.21 10.71
C GLN C 126 4.74 5.09 9.44
N GLY C 127 4.56 6.40 9.61
CA GLY C 127 4.54 7.29 8.48
C GLY C 127 5.87 7.31 7.74
N MET C 128 6.96 7.12 8.48
CA MET C 128 8.30 7.10 7.89
C MET C 128 8.52 5.77 7.18
N TYR C 129 8.08 4.69 7.80
CA TYR C 129 8.21 3.36 7.22
C TYR C 129 7.48 3.34 5.87
N ASN C 130 6.25 3.85 5.85
CA ASN C 130 5.45 3.86 4.63
C ASN C 130 6.12 4.67 3.52
N THR C 131 6.66 5.83 3.86
CA THR C 131 7.34 6.65 2.85
C THR C 131 8.50 5.87 2.24
N LEU C 132 9.35 5.29 3.09
CA LEU C 132 10.45 4.48 2.58
C LEU C 132 9.95 3.33 1.71
N GLU C 133 8.92 2.61 2.17
CA GLU C 133 8.39 1.49 1.40
C GLU C 133 7.82 1.93 0.07
N GLU C 134 7.15 3.07 0.03
CA GLU C 134 6.61 3.55 -1.23
C GLU C 134 7.76 3.87 -2.19
N TRP C 135 8.88 4.35 -1.66
CA TRP C 135 10.03 4.63 -2.52
C TRP C 135 10.57 3.31 -3.08
N TYR C 136 10.69 2.30 -2.22
CA TYR C 136 11.18 1.00 -2.69
C TYR C 136 10.31 0.43 -3.79
N LYS C 137 9.00 0.56 -3.67
CA LYS C 137 8.10 0.06 -4.70
C LYS C 137 8.32 0.81 -6.01
N PHE C 138 8.38 2.15 -5.96
CA PHE C 138 8.60 2.92 -7.17
C PHE C 138 9.96 2.57 -7.79
N ILE C 139 10.94 2.26 -6.96
CA ILE C 139 12.27 1.93 -7.46
C ILE C 139 12.27 0.58 -8.18
N GLU C 140 11.51 -0.39 -7.68
CA GLU C 140 11.47 -1.69 -8.33
C GLU C 140 10.94 -1.55 -9.76
N GLU C 141 10.07 -0.56 -9.98
CA GLU C 141 9.46 -0.34 -11.28
C GLU C 141 10.15 0.63 -12.22
N SER C 142 10.94 1.55 -11.68
CA SER C 142 11.60 2.54 -12.53
C SER C 142 13.09 2.36 -12.68
N ILE C 143 13.70 1.56 -11.83
CA ILE C 143 15.14 1.38 -11.91
C ILE C 143 15.55 -0.07 -11.90
N HIS C 144 16.55 -0.38 -12.71
CA HIS C 144 17.06 -1.73 -12.84
C HIS C 144 18.15 -2.04 -11.83
N VAL C 145 17.94 -3.10 -11.05
CA VAL C 145 18.90 -3.52 -10.05
C VAL C 145 19.39 -4.92 -10.38
N GLN C 146 20.58 -4.98 -10.97
CA GLN C 146 21.20 -6.24 -11.38
C GLN C 146 21.56 -7.08 -10.15
N ALA C 147 21.02 -8.27 -10.08
CA ALA C 147 21.29 -9.16 -8.95
C ALA C 147 21.34 -10.60 -9.45
N ASP C 148 22.55 -11.10 -9.69
CA ASP C 148 22.74 -12.45 -10.21
C ASP C 148 23.07 -13.47 -9.12
N LEU C 149 23.93 -13.10 -8.20
CA LEU C 149 24.31 -13.99 -7.12
C LEU C 149 24.49 -13.21 -5.82
N ILE C 150 24.12 -13.85 -4.71
CA ILE C 150 24.26 -13.23 -3.40
C ILE C 150 25.08 -14.17 -2.54
N ILE C 151 26.21 -13.69 -2.04
CA ILE C 151 27.05 -14.49 -1.16
C ILE C 151 26.72 -14.07 0.27
N TYR C 152 26.11 -14.98 1.02
CA TYR C 152 25.74 -14.68 2.39
C TYR C 152 26.78 -15.18 3.39
N LEU C 153 27.50 -14.23 4.01
CA LEU C 153 28.50 -14.56 5.01
C LEU C 153 27.77 -14.78 6.32
N ARG C 154 27.36 -16.02 6.55
CA ARG C 154 26.61 -16.42 7.74
C ARG C 154 27.49 -16.47 8.98
N THR C 155 27.07 -15.78 10.04
CA THR C 155 27.83 -15.79 11.30
C THR C 155 26.87 -15.83 12.47
N SER C 156 27.42 -15.88 13.67
CA SER C 156 26.60 -15.90 14.88
C SER C 156 26.67 -14.49 15.45
N PRO C 157 25.57 -14.02 16.05
CA PRO C 157 25.56 -12.68 16.63
C PRO C 157 26.76 -12.39 17.52
N GLU C 158 27.18 -13.38 18.29
CA GLU C 158 28.32 -13.21 19.20
C GLU C 158 29.61 -12.92 18.45
N VAL C 159 29.88 -13.67 17.40
CA VAL C 159 31.09 -13.45 16.61
C VAL C 159 31.05 -12.03 16.03
N ALA C 160 29.89 -11.69 15.45
CA ALA C 160 29.69 -10.38 14.86
C ALA C 160 29.93 -9.28 15.89
N TYR C 161 29.42 -9.48 17.10
CA TYR C 161 29.58 -8.47 18.14
C TYR C 161 31.06 -8.27 18.44
N GLU C 162 31.83 -9.36 18.41
CA GLU C 162 33.26 -9.28 18.70
C GLU C 162 33.99 -8.44 17.67
N ARG C 163 33.78 -8.76 16.40
CA ARG C 163 34.41 -8.04 15.31
C ARG C 163 34.03 -6.57 15.31
N ILE C 164 32.79 -6.28 15.64
CA ILE C 164 32.32 -4.90 15.66
C ILE C 164 33.08 -4.08 16.66
N ARG C 165 33.40 -4.68 17.75
CA ARG C 165 34.07 -3.91 18.79
C ARG C 165 35.56 -3.89 18.67
N GLN C 166 36.10 -4.79 17.87
CA GLN C 166 37.52 -4.79 17.65
C GLN C 166 37.79 -3.67 16.64
N ARG C 167 36.84 -3.46 15.74
CA ARG C 167 36.95 -2.42 14.73
C ARG C 167 36.84 -1.06 15.42
N ALA C 168 35.97 -1.01 16.43
CA ALA C 168 35.76 0.18 17.23
C ALA C 168 35.32 1.46 16.53
N ARG C 169 34.32 1.38 15.64
CA ARG C 169 33.81 2.59 15.00
C ARG C 169 33.10 3.34 16.12
N SER C 170 33.44 4.60 16.33
CA SER C 170 32.83 5.38 17.39
C SER C 170 31.29 5.35 17.36
N GLU C 171 30.71 5.41 16.15
CA GLU C 171 29.26 5.39 16.00
C GLU C 171 28.60 4.11 16.49
N GLU C 172 29.33 3.00 16.38
CA GLU C 172 28.83 1.70 16.76
C GLU C 172 29.12 1.29 18.22
N SER C 173 29.71 2.20 18.99
CA SER C 173 30.07 1.89 20.38
C SER C 173 28.90 1.46 21.29
N CYS C 174 27.67 1.84 20.97
CA CYS C 174 26.53 1.47 21.80
C CYS C 174 25.64 0.36 21.24
N VAL C 175 26.03 -0.23 20.12
CA VAL C 175 25.23 -1.30 19.50
C VAL C 175 25.16 -2.54 20.39
N PRO C 176 23.96 -2.86 20.91
CA PRO C 176 23.77 -4.03 21.77
C PRO C 176 23.69 -5.35 21.03
N LEU C 177 24.00 -6.44 21.74
CA LEU C 177 23.97 -7.77 21.15
C LEU C 177 22.57 -8.13 20.64
N LYS C 178 21.53 -7.64 21.31
CA LYS C 178 20.16 -7.97 20.89
C LYS C 178 19.90 -7.46 19.48
N TYR C 179 20.43 -6.26 19.21
CA TYR C 179 20.26 -5.64 17.91
C TYR C 179 20.83 -6.56 16.84
N LEU C 180 22.02 -7.08 17.10
CA LEU C 180 22.66 -7.98 16.15
C LEU C 180 21.90 -9.29 16.01
N GLN C 181 21.25 -9.72 17.10
CA GLN C 181 20.48 -10.96 17.05
C GLN C 181 19.23 -10.74 16.18
N GLU C 182 18.62 -9.56 16.32
CA GLU C 182 17.43 -9.24 15.53
C GLU C 182 17.81 -9.20 14.06
N LEU C 183 18.92 -8.54 13.75
CA LEU C 183 19.38 -8.44 12.36
C LEU C 183 19.73 -9.80 11.81
N HIS C 184 20.32 -10.65 12.66
CA HIS C 184 20.70 -11.99 12.24
C HIS C 184 19.46 -12.77 11.77
N GLU C 185 18.42 -12.81 12.60
CA GLU C 185 17.21 -13.54 12.22
C GLU C 185 16.66 -13.01 10.91
N LEU C 186 16.64 -11.68 10.76
CA LEU C 186 16.14 -11.06 9.55
C LEU C 186 16.95 -11.48 8.32
N HIS C 187 18.27 -11.63 8.48
CA HIS C 187 19.10 -12.06 7.36
C HIS C 187 18.77 -13.52 7.08
N GLU C 188 18.56 -14.29 8.14
CA GLU C 188 18.21 -15.70 8.01
C GLU C 188 16.89 -15.84 7.24
N ASP C 189 15.86 -15.12 7.66
CA ASP C 189 14.56 -15.19 7.01
C ASP C 189 14.62 -14.89 5.52
N TRP C 190 15.41 -13.90 5.15
CA TRP C 190 15.53 -13.49 3.77
C TRP C 190 16.43 -14.36 2.90
N LEU C 191 17.64 -14.61 3.37
CA LEU C 191 18.61 -15.37 2.59
C LEU C 191 18.57 -16.90 2.67
N ILE C 192 18.02 -17.44 3.75
CA ILE C 192 17.94 -18.89 3.90
C ILE C 192 16.52 -19.41 3.75
N HIS C 193 15.56 -18.81 4.45
CA HIS C 193 14.18 -19.25 4.38
C HIS C 193 13.41 -18.54 3.28
N GLN C 194 14.09 -17.64 2.59
CA GLN C 194 13.49 -16.85 1.51
C GLN C 194 12.06 -16.37 1.76
N ARG C 195 11.85 -15.70 2.90
CA ARG C 195 10.55 -15.15 3.25
C ARG C 195 10.42 -13.80 2.58
N ARG C 196 11.45 -13.43 1.82
CA ARG C 196 11.49 -12.16 1.13
C ARG C 196 11.79 -12.37 -0.36
N PRO C 197 11.05 -11.53 -1.16
CA PRO C 197 11.21 -11.53 -2.66
C PRO C 197 12.50 -11.17 -3.33
N GLN C 198 13.58 -11.75 -2.92
CA GLN C 198 14.82 -11.54 -3.59
C GLN C 198 15.34 -12.96 -3.69
N SER C 199 14.36 -13.72 -4.18
CA SER C 199 14.40 -15.14 -4.43
C SER C 199 15.23 -15.50 -5.65
N CYS C 200 16.51 -15.20 -5.59
CA CYS C 200 17.42 -15.58 -6.67
C CYS C 200 18.23 -16.72 -6.04
N LYS C 201 19.46 -16.91 -6.50
CA LYS C 201 20.28 -17.96 -5.96
C LYS C 201 21.30 -17.36 -5.00
N VAL C 202 21.44 -18.03 -3.85
CA VAL C 202 22.29 -17.62 -2.76
C VAL C 202 23.34 -18.66 -2.38
N LEU C 203 24.55 -18.21 -2.11
CA LEU C 203 25.64 -19.11 -1.70
C LEU C 203 25.97 -18.77 -0.25
N VAL C 204 25.71 -19.71 0.66
CA VAL C 204 25.97 -19.49 2.07
C VAL C 204 27.39 -19.90 2.44
N LEU C 205 28.08 -19.02 3.17
CA LEU C 205 29.45 -19.27 3.61
C LEU C 205 29.55 -19.09 5.12
N ASP C 206 30.19 -20.04 5.79
CA ASP C 206 30.36 -19.94 7.24
C ASP C 206 31.44 -18.90 7.49
N ALA C 207 31.01 -17.70 7.89
CA ALA C 207 31.95 -16.62 8.14
C ALA C 207 32.45 -16.52 9.58
N ASP C 208 32.43 -17.64 10.30
CA ASP C 208 32.92 -17.65 11.67
C ASP C 208 34.40 -18.04 11.64
N LEU C 209 35.10 -17.56 10.61
CA LEU C 209 36.52 -17.84 10.42
C LEU C 209 36.74 -19.33 10.25
N ASN C 210 36.21 -19.90 9.27
N THR D 12 20.86 7.28 -20.16
CA THR D 12 19.38 7.11 -20.46
C THR D 12 18.49 7.24 -19.21
N LYS D 13 17.40 7.98 -19.36
CA LYS D 13 16.51 8.18 -18.25
C LYS D 13 15.13 7.50 -18.36
N TYR D 14 14.63 7.10 -17.18
CA TYR D 14 13.32 6.46 -17.08
C TYR D 14 12.30 7.44 -17.69
N ALA D 15 11.31 6.90 -18.39
CA ALA D 15 10.27 7.70 -19.02
C ALA D 15 10.77 8.64 -20.14
N GLU D 16 11.99 8.41 -20.60
CA GLU D 16 12.58 9.21 -21.67
C GLU D 16 11.73 9.10 -22.95
N GLY D 17 11.40 10.23 -23.55
CA GLY D 17 10.60 10.22 -24.76
C GLY D 17 9.31 9.40 -24.65
N THR D 18 8.55 9.66 -23.60
CA THR D 18 7.28 8.97 -23.37
C THR D 18 6.22 9.99 -22.96
N GLN D 19 6.67 11.23 -22.79
CA GLN D 19 5.80 12.29 -22.34
C GLN D 19 5.41 13.32 -23.39
N PRO D 20 4.11 13.65 -23.35
CA PRO D 20 3.58 14.75 -24.26
C PRO D 20 4.08 16.12 -23.89
N PHE D 21 3.48 17.11 -24.54
CA PHE D 21 3.81 18.46 -24.21
C PHE D 21 3.35 18.60 -22.78
N THR D 22 4.19 19.09 -21.87
CA THR D 22 3.77 19.19 -20.48
C THR D 22 3.78 20.60 -19.92
N VAL D 23 2.66 20.96 -19.29
CA VAL D 23 2.52 22.26 -18.68
C VAL D 23 2.45 22.09 -17.17
N LEU D 24 3.19 22.92 -16.45
CA LEU D 24 3.20 22.86 -15.01
C LEU D 24 2.51 24.09 -14.46
N ILE D 25 1.57 23.88 -13.54
CA ILE D 25 0.87 25.01 -12.95
C ILE D 25 1.49 25.28 -11.59
N GLU D 26 2.14 26.44 -11.46
CA GLU D 26 2.79 26.81 -10.21
C GLU D 26 2.19 28.07 -9.60
N GLY D 27 2.43 28.26 -8.32
CA GLY D 27 1.90 29.42 -7.62
C GLY D 27 1.91 29.12 -6.14
N ASN D 28 1.87 30.16 -5.32
CA ASN D 28 1.89 30.01 -3.87
C ASN D 28 0.70 29.19 -3.37
N ILE D 29 0.76 28.78 -2.10
CA ILE D 29 -0.33 28.02 -1.51
C ILE D 29 -1.58 28.90 -1.60
N GLY D 30 -2.68 28.33 -2.07
CA GLY D 30 -3.91 29.08 -2.18
C GLY D 30 -3.94 30.08 -3.31
N SER D 31 -3.01 29.98 -4.26
CA SER D 31 -2.99 30.92 -5.39
C SER D 31 -4.08 30.57 -6.41
N GLY D 32 -4.67 29.38 -6.26
CA GLY D 32 -5.72 28.96 -7.19
C GLY D 32 -5.28 28.03 -8.31
N LYS D 33 -4.26 27.22 -8.06
CA LYS D 33 -3.76 26.30 -9.07
C LYS D 33 -4.82 25.27 -9.48
N THR D 34 -5.53 24.73 -8.50
CA THR D 34 -6.56 23.74 -8.76
C THR D 34 -7.75 24.37 -9.46
N THR D 35 -8.17 25.54 -8.98
CA THR D 35 -9.29 26.27 -9.57
C THR D 35 -9.02 26.51 -11.06
N TYR D 36 -7.80 26.92 -11.36
CA TYR D 36 -7.39 27.20 -12.72
C TYR D 36 -7.46 25.93 -13.56
N LEU D 37 -7.04 24.81 -12.98
CA LEU D 37 -7.04 23.54 -13.69
C LEU D 37 -8.43 22.95 -13.95
N ASN D 38 -9.40 23.28 -13.10
CA ASN D 38 -10.75 22.76 -13.27
C ASN D 38 -11.38 23.28 -14.55
N HIS D 39 -10.73 24.26 -15.18
CA HIS D 39 -11.24 24.83 -16.42
C HIS D 39 -10.96 23.96 -17.65
N PHE D 40 -9.99 23.06 -17.54
CA PHE D 40 -9.64 22.16 -18.64
C PHE D 40 -10.37 20.84 -18.42
N GLU D 41 -11.17 20.82 -17.36
CA GLU D 41 -11.94 19.66 -16.95
C GLU D 41 -12.74 18.97 -18.07
N LYS D 42 -13.36 19.77 -18.94
CA LYS D 42 -14.16 19.22 -20.03
C LYS D 42 -13.35 18.60 -21.18
N TYR D 43 -12.08 18.94 -21.26
CA TYR D 43 -11.21 18.40 -22.31
C TYR D 43 -10.49 17.19 -21.74
N LYS D 44 -11.06 16.65 -20.67
CA LYS D 44 -10.54 15.50 -19.95
C LYS D 44 -10.03 14.37 -20.85
N ASN D 45 -10.75 14.09 -21.93
CA ASN D 45 -10.40 13.01 -22.83
C ASN D 45 -9.43 13.39 -23.95
N ASP D 46 -8.76 14.53 -23.78
CA ASP D 46 -7.81 14.99 -24.78
C ASP D 46 -6.55 15.52 -24.09
N ILE D 47 -6.68 15.80 -22.80
CA ILE D 47 -5.58 16.31 -21.99
C ILE D 47 -5.48 15.52 -20.69
N CYS D 48 -4.27 15.06 -20.37
CA CYS D 48 -4.06 14.32 -19.13
C CYS D 48 -3.95 15.36 -18.02
N LEU D 49 -4.90 15.33 -17.09
CA LEU D 49 -4.93 16.28 -15.98
C LEU D 49 -4.58 15.65 -14.63
N LEU D 50 -3.44 16.07 -14.06
CA LEU D 50 -2.99 15.57 -12.76
C LEU D 50 -3.09 16.72 -11.77
N THR D 51 -4.17 16.75 -11.00
CA THR D 51 -4.41 17.83 -10.05
C THR D 51 -4.50 17.43 -8.58
N GLU D 52 -4.49 18.45 -7.71
CA GLU D 52 -4.61 18.30 -6.27
C GLU D 52 -3.82 17.14 -5.67
N PRO D 53 -2.47 17.16 -5.81
CA PRO D 53 -1.60 16.10 -5.26
C PRO D 53 -1.66 16.01 -3.74
N VAL D 54 -2.10 17.09 -3.10
CA VAL D 54 -2.20 17.16 -1.65
C VAL D 54 -3.01 16.01 -1.07
N GLU D 55 -4.01 15.55 -1.80
CA GLU D 55 -4.84 14.47 -1.31
C GLU D 55 -4.03 13.23 -0.97
N LYS D 56 -2.99 12.96 -1.75
CA LYS D 56 -2.14 11.80 -1.49
C LYS D 56 -1.33 11.99 -0.23
N TRP D 57 -0.86 13.23 -0.01
CA TRP D 57 -0.04 13.52 1.16
C TRP D 57 -0.85 13.51 2.44
N ARG D 58 -2.16 13.72 2.33
CA ARG D 58 -3.03 13.73 3.51
C ARG D 58 -3.49 12.35 3.90
N ASN D 59 -3.22 11.36 3.06
CA ASN D 59 -3.63 9.99 3.37
C ASN D 59 -2.71 8.97 2.69
N VAL D 60 -1.69 8.57 3.42
CA VAL D 60 -0.73 7.58 2.94
C VAL D 60 -1.03 6.32 3.74
N ASN D 61 -1.86 5.45 3.17
CA ASN D 61 -2.26 4.22 3.84
C ASN D 61 -2.80 4.61 5.22
N GLY D 62 -3.64 5.64 5.26
CA GLY D 62 -4.20 6.07 6.53
C GLY D 62 -3.42 7.12 7.30
N VAL D 63 -2.14 7.32 6.97
CA VAL D 63 -1.32 8.32 7.66
C VAL D 63 -1.42 9.69 7.01
N ASN D 64 -1.60 10.73 7.83
CA ASN D 64 -1.70 12.07 7.29
C ASN D 64 -0.36 12.79 7.42
N LEU D 65 0.51 12.60 6.43
CA LEU D 65 1.84 13.23 6.43
C LEU D 65 1.80 14.75 6.48
N LEU D 66 0.86 15.36 5.75
CA LEU D 66 0.75 16.81 5.74
C LEU D 66 0.52 17.33 7.15
N GLU D 67 -0.36 16.67 7.87
CA GLU D 67 -0.62 17.12 9.21
C GLU D 67 0.57 16.95 10.14
N LEU D 68 1.17 15.76 10.08
CA LEU D 68 2.32 15.46 10.91
C LEU D 68 3.43 16.48 10.67
N MET D 69 3.60 16.89 9.41
CA MET D 69 4.64 17.84 9.09
C MET D 69 4.39 19.19 9.77
N TYR D 70 3.16 19.68 9.69
CA TYR D 70 2.84 20.96 10.31
C TYR D 70 2.91 20.93 11.84
N LYS D 71 2.57 19.80 12.45
CA LYS D 71 2.61 19.69 13.89
C LYS D 71 4.01 19.51 14.48
N ASP D 72 4.87 18.79 13.75
CA ASP D 72 6.22 18.52 14.22
C ASP D 72 7.22 18.50 13.06
N PRO D 73 7.50 19.68 12.46
CA PRO D 73 8.42 19.87 11.34
C PRO D 73 9.82 19.29 11.50
N LYS D 74 10.43 19.50 12.66
CA LYS D 74 11.78 19.01 12.92
C LYS D 74 11.90 17.52 12.68
N LYS D 75 10.80 16.82 12.89
CA LYS D 75 10.81 15.38 12.73
C LYS D 75 10.15 14.85 11.44
N TRP D 76 9.08 15.51 11.00
CA TRP D 76 8.33 15.06 9.84
C TRP D 76 8.51 15.78 8.52
N ALA D 77 9.19 16.92 8.54
CA ALA D 77 9.40 17.67 7.30
C ALA D 77 10.18 16.85 6.28
N MET D 78 11.17 16.10 6.74
CA MET D 78 11.99 15.30 5.84
C MET D 78 11.21 14.16 5.17
N PRO D 79 10.56 13.29 5.95
CA PRO D 79 9.82 12.20 5.31
C PRO D 79 8.69 12.77 4.44
N PHE D 80 8.11 13.87 4.87
CA PHE D 80 7.04 14.49 4.09
C PHE D 80 7.55 14.96 2.72
N GLN D 81 8.64 15.73 2.72
CA GLN D 81 9.17 16.24 1.46
C GLN D 81 9.67 15.10 0.57
N SER D 82 10.16 14.05 1.20
CA SER D 82 10.62 12.89 0.44
C SER D 82 9.42 12.24 -0.27
N TYR D 83 8.25 12.25 0.38
CA TYR D 83 7.08 11.66 -0.21
C TYR D 83 6.49 12.58 -1.26
N VAL D 84 6.57 13.89 -1.04
CA VAL D 84 6.08 14.85 -2.03
C VAL D 84 6.91 14.63 -3.30
N THR D 85 8.23 14.54 -3.15
CA THR D 85 9.16 14.33 -4.26
C THR D 85 8.77 13.07 -5.03
N LEU D 86 8.52 11.98 -4.30
CA LEU D 86 8.14 10.73 -4.92
C LEU D 86 6.85 10.82 -5.72
N THR D 87 5.80 11.37 -5.13
CA THR D 87 4.52 11.47 -5.86
C THR D 87 4.59 12.39 -7.08
N MET D 88 5.42 13.44 -7.00
CA MET D 88 5.56 14.35 -8.13
C MET D 88 6.24 13.56 -9.23
N LEU D 89 7.29 12.86 -8.86
CA LEU D 89 8.05 12.05 -9.79
C LEU D 89 7.15 11.01 -10.46
N GLN D 90 6.23 10.44 -9.69
CA GLN D 90 5.31 9.46 -10.24
C GLN D 90 4.39 10.11 -11.27
N SER D 91 3.95 11.34 -11.00
CA SER D 91 3.08 12.05 -11.93
C SER D 91 3.85 12.49 -13.18
N HIS D 92 5.06 13.01 -12.99
CA HIS D 92 5.88 13.45 -14.12
C HIS D 92 6.12 12.30 -15.09
N THR D 93 6.36 11.09 -14.57
CA THR D 93 6.64 9.93 -15.40
C THR D 93 5.44 9.03 -15.68
N ALA D 94 4.25 9.44 -15.25
CA ALA D 94 3.06 8.63 -15.49
C ALA D 94 2.78 8.52 -17.00
N PRO D 95 2.54 7.29 -17.50
CA PRO D 95 2.25 7.05 -18.91
C PRO D 95 0.90 7.61 -19.36
N THR D 96 0.85 8.11 -20.59
CA THR D 96 -0.38 8.64 -21.14
C THR D 96 -0.32 8.74 -22.66
N ASN D 97 -1.47 8.63 -23.28
CA ASN D 97 -1.58 8.70 -24.73
C ASN D 97 -1.86 10.10 -25.22
N LYS D 98 -2.70 10.80 -24.46
CA LYS D 98 -3.09 12.16 -24.79
C LYS D 98 -1.88 12.97 -25.27
N LYS D 99 -2.18 14.00 -26.05
CA LYS D 99 -1.15 14.85 -26.63
C LYS D 99 -0.71 15.99 -25.73
N LEU D 100 -1.48 16.27 -24.69
CA LEU D 100 -1.14 17.34 -23.76
C LEU D 100 -1.26 16.88 -22.31
N LYS D 101 -0.34 17.35 -21.47
CA LYS D 101 -0.34 17.00 -20.06
C LYS D 101 -0.15 18.24 -19.19
N ILE D 102 -1.06 18.42 -18.25
CA ILE D 102 -1.00 19.57 -17.33
C ILE D 102 -0.99 19.09 -15.89
N MET D 103 -0.04 19.58 -15.11
CA MET D 103 0.12 19.19 -13.72
C MET D 103 0.02 20.35 -12.74
N GLU D 104 -0.52 20.07 -11.56
CA GLU D 104 -0.56 21.05 -10.49
C GLU D 104 0.72 20.79 -9.71
N ARG D 105 1.58 21.78 -9.61
CA ARG D 105 2.85 21.63 -8.88
C ARG D 105 3.80 20.76 -9.68
N SER D 106 5.01 20.58 -9.14
CA SER D 106 6.02 19.79 -9.81
C SER D 106 7.14 19.50 -8.82
N ILE D 107 8.08 18.68 -9.24
CA ILE D 107 9.20 18.36 -8.37
C ILE D 107 10.07 19.62 -8.15
N PHE D 108 10.03 20.56 -9.09
CA PHE D 108 10.84 21.79 -8.99
C PHE D 108 10.40 22.76 -7.89
N SER D 109 9.10 22.92 -7.73
CA SER D 109 8.62 23.83 -6.69
C SER D 109 8.84 23.19 -5.33
N ALA D 110 8.80 21.87 -5.30
CA ALA D 110 9.03 21.16 -4.05
C ALA D 110 10.48 21.42 -3.61
N ARG D 111 11.41 21.35 -4.57
CA ARG D 111 12.81 21.56 -4.28
C ARG D 111 13.21 23.03 -4.06
N TYR D 112 12.95 23.85 -5.06
CA TYR D 112 13.31 25.27 -5.03
C TYR D 112 12.55 26.18 -4.06
N CYS D 113 11.31 25.83 -3.73
CA CYS D 113 10.55 26.68 -2.83
C CYS D 113 10.36 26.11 -1.44
N PHE D 114 9.73 24.94 -1.36
CA PHE D 114 9.48 24.34 -0.05
C PHE D 114 10.66 23.76 0.68
N VAL D 115 11.46 22.93 0.00
CA VAL D 115 12.63 22.36 0.68
C VAL D 115 13.59 23.48 1.09
N GLU D 116 13.81 24.42 0.19
CA GLU D 116 14.68 25.55 0.46
C GLU D 116 14.19 26.36 1.67
N ASN D 117 12.90 26.67 1.69
CA ASN D 117 12.37 27.45 2.80
C ASN D 117 12.48 26.70 4.12
N MET D 118 12.27 25.38 4.07
CA MET D 118 12.37 24.56 5.28
C MET D 118 13.81 24.47 5.77
N ARG D 119 14.76 24.63 4.86
CA ARG D 119 16.15 24.61 5.29
C ARG D 119 16.37 25.92 6.04
N ARG D 120 15.89 27.01 5.47
CA ARG D 120 16.04 28.32 6.08
C ARG D 120 15.39 28.52 7.45
N ASN D 121 14.18 28.00 7.66
CA ASN D 121 13.55 28.19 8.95
C ASN D 121 13.91 27.13 9.98
N GLY D 122 14.87 26.27 9.62
CA GLY D 122 15.33 25.24 10.54
C GLY D 122 14.51 23.96 10.64
N SER D 123 13.42 23.87 9.87
CA SER D 123 12.59 22.66 9.91
C SER D 123 13.41 21.45 9.47
N LEU D 124 14.30 21.66 8.49
CA LEU D 124 15.15 20.59 7.99
C LEU D 124 16.58 20.80 8.43
N GLU D 125 17.07 19.90 9.29
CA GLU D 125 18.45 19.99 9.76
C GLU D 125 19.28 19.83 8.53
N GLN D 126 20.49 20.32 8.59
CA GLN D 126 21.33 20.20 7.44
C GLN D 126 21.47 18.80 6.86
N GLY D 127 21.57 17.80 7.72
CA GLY D 127 21.73 16.43 7.25
C GLY D 127 20.53 15.98 6.43
N MET D 128 19.34 16.47 6.78
CA MET D 128 18.11 16.13 6.05
C MET D 128 18.08 16.86 4.72
N TYR D 129 18.47 18.12 4.74
CA TYR D 129 18.51 18.94 3.54
C TYR D 129 19.43 18.29 2.52
N ASN D 130 20.61 17.89 2.96
CA ASN D 130 21.59 17.26 2.06
C ASN D 130 21.08 15.97 1.45
N THR D 131 20.42 15.13 2.26
CA THR D 131 19.88 13.87 1.74
C THR D 131 18.88 14.16 0.64
N LEU D 132 17.95 15.08 0.90
CA LEU D 132 16.96 15.44 -0.10
C LEU D 132 17.65 15.97 -1.36
N GLU D 133 18.61 16.88 -1.19
CA GLU D 133 19.33 17.45 -2.34
C GLU D 133 20.07 16.38 -3.14
N GLU D 134 20.69 15.43 -2.46
CA GLU D 134 21.39 14.37 -3.17
C GLU D 134 20.39 13.54 -3.98
N TRP D 135 19.18 13.38 -3.46
CA TRP D 135 18.17 12.64 -4.21
C TRP D 135 17.79 13.43 -5.45
N TYR D 136 17.56 14.73 -5.29
CA TYR D 136 17.21 15.55 -6.44
C TYR D 136 18.28 15.48 -7.53
N LYS D 137 19.56 15.51 -7.14
CA LYS D 137 20.64 15.42 -8.13
C LYS D 137 20.59 14.08 -8.86
N PHE D 138 20.46 12.99 -8.12
CA PHE D 138 20.39 11.69 -8.77
C PHE D 138 19.16 11.59 -9.68
N ILE D 139 18.06 12.25 -9.29
CA ILE D 139 16.86 12.21 -10.10
C ILE D 139 17.04 12.97 -11.43
N GLU D 140 17.75 14.10 -11.40
CA GLU D 140 17.96 14.86 -12.63
C GLU D 140 18.70 14.01 -13.65
N GLU D 141 19.54 13.10 -13.18
CA GLU D 141 20.34 12.25 -14.07
C GLU D 141 19.76 10.91 -14.44
N SER D 142 18.85 10.38 -13.64
CA SER D 142 18.29 9.07 -13.93
C SER D 142 16.84 9.07 -14.39
N ILE D 143 16.15 10.18 -14.19
CA ILE D 143 14.75 10.22 -14.58
C ILE D 143 14.40 11.45 -15.39
N HIS D 144 13.57 11.23 -16.40
CA HIS D 144 13.16 12.30 -17.31
C HIS D 144 11.93 13.04 -16.78
N VAL D 145 12.06 14.35 -16.65
CA VAL D 145 10.98 15.20 -16.20
C VAL D 145 10.63 16.20 -17.30
N GLN D 146 9.55 15.89 -18.02
CA GLN D 146 9.05 16.72 -19.12
C GLN D 146 8.53 18.04 -18.58
N ALA D 147 9.11 19.14 -19.05
CA ALA D 147 8.70 20.48 -18.62
C ALA D 147 8.82 21.43 -19.82
N ASP D 148 7.69 21.68 -20.47
CA ASP D 148 7.63 22.55 -21.63
C ASP D 148 7.20 23.97 -21.31
N LEU D 149 6.16 24.08 -20.49
CA LEU D 149 5.67 25.40 -20.10
C LEU D 149 5.25 25.42 -18.64
N ILE D 150 5.48 26.55 -17.99
CA ILE D 150 5.10 26.72 -16.60
C ILE D 150 4.20 27.94 -16.51
N ILE D 151 2.98 27.75 -16.00
CA ILE D 151 2.06 28.87 -15.85
C ILE D 151 2.14 29.29 -14.38
N TYR D 152 2.66 30.47 -14.13
CA TYR D 152 2.81 30.96 -12.77
C TYR D 152 1.64 31.86 -12.35
N LEU D 153 0.81 31.35 -11.45
CA LEU D 153 -0.33 32.11 -10.94
C LEU D 153 0.19 33.02 -9.84
N ARG D 154 0.62 34.21 -10.24
CA ARG D 154 1.18 35.20 -9.34
C ARG D 154 0.14 35.86 -8.46
N THR D 155 0.35 35.85 -7.15
CA THR D 155 -0.59 36.48 -6.22
C THR D 155 0.18 37.19 -5.11
N SER D 156 -0.55 37.84 -4.22
CA SER D 156 0.07 38.52 -3.10
C SER D 156 -0.16 37.63 -1.90
N PRO D 157 0.80 37.59 -0.97
CA PRO D 157 0.67 36.75 0.22
C PRO D 157 -0.68 36.92 0.94
N GLU D 158 -1.18 38.15 0.99
CA GLU D 158 -2.45 38.44 1.65
C GLU D 158 -3.61 37.74 0.98
N VAL D 159 -3.68 37.81 -0.35
CA VAL D 159 -4.76 37.15 -1.07
C VAL D 159 -4.68 35.65 -0.80
N ALA D 160 -3.47 35.10 -0.91
CA ALA D 160 -3.23 33.69 -0.69
C ALA D 160 -3.69 33.28 0.70
N TYR D 161 -3.36 34.11 1.69
CA TYR D 161 -3.74 33.81 3.07
C TYR D 161 -5.26 33.73 3.20
N GLU D 162 -5.97 34.60 2.48
CA GLU D 162 -7.43 34.63 2.53
C GLU D 162 -8.02 33.34 2.00
N ARG D 163 -7.59 32.95 0.80
CA ARG D 163 -8.06 31.73 0.19
C ARG D 163 -7.77 30.49 1.02
N ILE D 164 -6.62 30.47 1.67
CA ILE D 164 -6.22 29.31 2.49
C ILE D 164 -7.28 29.07 3.59
N ARG D 165 -7.44 30.16 4.38
CA ARG D 165 -8.41 30.27 5.47
C ARG D 165 -9.77 29.77 5.02
N GLN D 166 -10.31 30.36 3.94
CA GLN D 166 -11.63 30.07 3.33
C GLN D 166 -11.81 28.59 3.03
N ARG D 167 -10.75 27.96 2.56
CA ARG D 167 -10.76 26.54 2.24
C ARG D 167 -10.81 25.75 3.55
N ALA D 168 -10.14 26.30 4.55
CA ALA D 168 -10.10 25.72 5.89
C ALA D 168 -9.61 24.28 6.05
N ARG D 169 -8.49 23.92 5.41
CA ARG D 169 -7.95 22.58 5.60
C ARG D 169 -7.45 22.55 7.03
N SER D 170 -7.89 21.58 7.82
CA SER D 170 -7.48 21.51 9.20
C SER D 170 -5.96 21.58 9.40
N GLU D 171 -5.20 20.93 8.51
CA GLU D 171 -3.74 20.91 8.62
C GLU D 171 -3.11 22.29 8.46
N GLU D 172 -3.75 23.14 7.68
CA GLU D 172 -3.26 24.47 7.39
C GLU D 172 -3.76 25.57 8.34
N SER D 173 -4.51 25.19 9.37
CA SER D 173 -5.06 26.15 10.32
C SER D 173 -4.04 27.05 11.04
N CYS D 174 -2.79 26.61 11.15
CA CYS D 174 -1.79 27.43 11.84
C CYS D 174 -0.78 28.11 10.93
N VAL D 175 -0.96 28.01 9.61
CA VAL D 175 -0.02 28.62 8.66
C VAL D 175 -0.03 30.15 8.77
N PRO D 176 1.09 30.74 9.23
CA PRO D 176 1.18 32.20 9.36
C PRO D 176 1.45 32.93 8.05
N LEU D 177 1.09 34.21 8.02
CA LEU D 177 1.28 35.03 6.83
C LEU D 177 2.76 35.13 6.44
N LYS D 178 3.67 35.12 7.41
CA LYS D 178 5.10 35.22 7.12
C LYS D 178 5.55 34.06 6.24
N TYR D 179 5.02 32.88 6.56
CA TYR D 179 5.35 31.66 5.82
C TYR D 179 5.01 31.87 4.36
N LEU D 180 3.82 32.41 4.11
CA LEU D 180 3.37 32.64 2.74
C LEU D 180 4.20 33.70 2.06
N GLN D 181 4.69 34.66 2.84
CA GLN D 181 5.52 35.72 2.28
C GLN D 181 6.86 35.12 1.87
N GLU D 182 7.40 34.24 2.70
CA GLU D 182 8.68 33.61 2.40
C GLU D 182 8.55 32.78 1.13
N LEU D 183 7.47 32.01 1.04
CA LEU D 183 7.22 31.17 -0.13
C LEU D 183 7.03 32.03 -1.36
N HIS D 184 6.34 33.15 -1.19
CA HIS D 184 6.10 34.05 -2.30
C HIS D 184 7.43 34.51 -2.92
N GLU D 185 8.32 35.08 -2.09
CA GLU D 185 9.62 35.53 -2.58
C GLU D 185 10.35 34.40 -3.31
N LEU D 186 10.31 33.19 -2.73
CA LEU D 186 10.96 32.04 -3.35
C LEU D 186 10.38 31.71 -4.73
N HIS D 187 9.07 31.87 -4.89
CA HIS D 187 8.44 31.62 -6.19
C HIS D 187 8.89 32.72 -7.14
N GLU D 188 8.97 33.95 -6.62
CA GLU D 188 9.40 35.09 -7.41
C GLU D 188 10.83 34.85 -7.93
N ASP D 189 11.76 34.53 -7.02
CA ASP D 189 13.14 34.27 -7.40
C ASP D 189 13.31 33.23 -8.48
N TRP D 190 12.52 32.17 -8.41
CA TRP D 190 12.61 31.08 -9.36
C TRP D 190 11.89 31.31 -10.69
N LEU D 191 10.64 31.73 -10.63
CA LEU D 191 9.84 31.93 -11.83
C LEU D 191 9.94 33.28 -12.55
N ILE D 192 10.33 34.31 -11.80
CA ILE D 192 10.45 35.64 -12.39
C ILE D 192 11.91 36.07 -12.57
N HIS D 193 12.64 36.20 -11.47
CA HIS D 193 14.03 36.61 -11.50
C HIS D 193 14.94 35.48 -12.01
N GLN D 194 14.46 34.25 -11.87
CA GLN D 194 15.17 33.06 -12.34
C GLN D 194 16.56 32.88 -11.74
N ARG D 195 16.61 32.56 -10.44
CA ARG D 195 17.88 32.34 -9.77
C ARG D 195 18.06 30.85 -9.47
N ARG D 196 17.27 30.03 -10.18
CA ARG D 196 17.31 28.57 -10.06
C ARG D 196 17.17 27.93 -11.44
N PRO D 197 17.91 26.86 -11.71
CA PRO D 197 17.88 26.15 -12.99
C PRO D 197 16.49 25.64 -13.42
N GLN D 198 15.96 26.20 -14.49
CA GLN D 198 14.65 25.83 -15.03
C GLN D 198 14.52 26.36 -16.45
N SER D 199 15.59 26.18 -17.23
CA SER D 199 15.63 26.65 -18.62
C SER D 199 14.39 26.31 -19.45
N CYS D 200 13.37 27.14 -19.36
CA CYS D 200 12.14 26.95 -20.11
C CYS D 200 11.22 28.17 -20.05
N LYS D 201 10.08 28.08 -20.73
CA LYS D 201 9.13 29.19 -20.79
C LYS D 201 8.17 29.35 -19.63
N VAL D 202 8.06 30.57 -19.11
CA VAL D 202 7.13 30.85 -18.03
C VAL D 202 6.10 31.92 -18.44
N LEU D 203 4.84 31.62 -18.19
CA LEU D 203 3.76 32.55 -18.49
C LEU D 203 3.19 33.02 -17.15
N VAL D 204 3.35 34.30 -16.85
CA VAL D 204 2.86 34.85 -15.60
C VAL D 204 1.42 35.33 -15.71
N LEU D 205 0.58 34.94 -14.76
CA LEU D 205 -0.83 35.33 -14.75
C LEU D 205 -1.17 35.97 -13.40
N ASP D 206 -1.87 37.09 -13.44
CA ASP D 206 -2.26 37.76 -12.21
C ASP D 206 -3.41 36.96 -11.61
N ALA D 207 -3.12 36.18 -10.58
CA ALA D 207 -4.12 35.34 -9.95
C ALA D 207 -4.84 35.99 -8.78
N ASP D 208 -4.89 37.32 -8.76
CA ASP D 208 -5.59 38.03 -7.70
C ASP D 208 -7.02 38.29 -8.15
N LEU D 209 -7.58 37.31 -8.88
CA LEU D 209 -8.93 37.39 -9.40
C LEU D 209 -9.06 38.56 -10.37
N ASN D 210 -8.36 38.54 -11.41
PA TTP E . -27.81 5.08 -1.19
O1A TTP E . -26.89 4.05 -1.72
O2A TTP E . -27.58 6.49 -1.56
O3A TTP E . -29.30 4.69 -1.61
PB TTP E . -30.66 5.48 -1.36
O1B TTP E . -31.72 4.54 -1.67
O2B TTP E . -30.65 6.03 0.03
O3B TTP E . -30.62 6.61 -2.47
PG TTP E . -31.73 7.37 -3.47
O1G TTP E . -32.71 8.05 -2.61
O2G TTP E . -30.98 8.25 -4.41
O3G TTP E . -32.42 6.19 -4.27
O5' TTP E . -27.83 5.07 0.40
C5' TTP E . -28.51 3.96 1.09
C4' TTP E . -28.03 3.87 2.56
O4' TTP E . -26.83 3.10 2.57
C3' TTP E . -27.66 5.20 3.20
O3' TTP E . -28.09 5.22 4.56
C2' TTP E . -26.12 5.29 3.03
C1' TTP E . -25.75 3.82 3.07
N1 TTP E . -24.55 3.41 2.20
C2 TTP E . -23.36 3.21 2.99
O2 TTP E . -23.33 3.35 4.23
N3 TTP E . -22.23 2.80 2.31
C4 TTP E . -22.21 2.63 0.98
O4 TTP E . -21.03 2.23 0.45
C5 TTP E . -23.40 2.84 0.17
C5M TTP E . -23.39 2.66 -1.33
C6 TTP E . -24.52 3.24 0.84
MG MG F . -32.49 4.14 -3.63
PA TTP G . -0.98 -20.63 11.70
O1A TTP G . -1.69 -20.28 10.45
O2A TTP G . -1.26 -21.95 12.29
O3A TTP G . 0.59 -20.52 11.46
PB TTP G . 1.80 -20.85 12.46
O1B TTP G . 2.98 -20.23 11.85
O2B TTP G . 1.47 -20.40 13.83
O3B TTP G . 1.91 -22.43 12.34
PG TTP G . 3.11 -23.55 12.38
O1G TTP G . 3.83 -23.42 13.66
O2G TTP G . 2.52 -24.88 12.10
O3G TTP G . 4.06 -23.13 11.18
O5' TTP G . -1.29 -19.59 12.86
C5' TTP G . -0.69 -18.26 12.77
C4' TTP G . -1.47 -17.25 13.68
O4' TTP G . -2.57 -16.78 12.92
C3' TTP G . -2.07 -17.88 14.93
O3' TTP G . -1.92 -16.98 16.03
C2' TTP G . -3.53 -18.20 14.56
C1' TTP G . -3.79 -17.07 13.54
N1 TTP G . -4.74 -17.43 12.40
C2 TTP G . -6.06 -16.86 12.59
O2 TTP G . -6.34 -16.17 13.58
N3 TTP G . -6.99 -17.08 11.60
C4 TTP G . -6.70 -17.82 10.51
O4 TTP G . -7.69 -17.96 9.64
C5 TTP G . -5.37 -18.43 10.30
C5M TTP G . -5.07 -19.24 9.09
C6 TTP G . -4.47 -18.19 11.29
MG MG H . 4.20 -21.13 10.33
PA TTP I . 27.25 -3.00 7.23
O1A TTP I . 26.50 -2.56 6.04
O2A TTP I . 26.98 -4.36 7.73
O3A TTP I . 28.81 -2.86 6.95
PB TTP I . 30.06 -3.24 7.86
O1B TTP I . 31.22 -2.58 7.24
O2B TTP I . 29.77 -2.87 9.28
O3B TTP I . 30.17 -4.82 7.65
PG TTP I . 31.38 -5.94 7.53
O1G TTP I . 32.14 -5.94 8.79
O2G TTP I . 30.77 -7.23 7.15
O3G TTP I . 32.29 -5.42 6.33
O5' TTP I . 26.99 -2.06 8.49
C5' TTP I . 27.57 -0.70 8.47
C4' TTP I . 26.85 0.23 9.49
O4' TTP I . 25.72 0.76 8.83
C3' TTP I . 26.30 -0.50 10.72
O3' TTP I . 26.46 0.34 11.86
C2' TTP I . 24.83 -0.80 10.36
C1' TTP I . 24.52 0.40 9.48
N1 TTP I . 23.51 0.12 8.35
C2 TTP I . 22.21 0.69 8.63
O2 TTP I . 21.95 1.29 9.69
N3 TTP I . 21.22 0.51 7.67
C4 TTP I . 21.47 -0.14 6.52
O4 TTP I . 20.45 -0.24 5.68
C5 TTP I . 22.79 -0.73 6.23
C5M TTP I . 23.06 -1.47 4.94
C6 TTP I . 23.74 -0.55 7.16
MG MG J . 32.30 -3.41 5.66
PA TTP K . 0.01 23.50 -2.80
O1A TTP K . 0.91 22.54 -3.44
O2A TTP K . 0.24 24.94 -3.06
O3A TTP K . -1.48 23.17 -3.22
PB TTP K . -2.85 23.94 -2.85
O1B TTP K . -3.93 23.01 -3.19
O2B TTP K . -2.78 24.39 -1.44
O3B TTP K . -2.85 25.14 -3.89
PG TTP K . -3.99 25.97 -4.76
O1G TTP K . -4.96 26.56 -3.82
O2G TTP K . -3.28 26.94 -5.65
O3G TTP K . -4.70 24.87 -5.64
O5' TTP K . 0.05 23.37 -1.22
C5' TTP K . -0.62 22.21 -0.62
C4' TTP K . -0.08 21.98 0.83
O4' TTP K . 1.12 21.24 0.72
C3' TTP K . 0.28 23.26 1.58
O3' TTP K . -0.12 23.13 2.94
C2' TTP K . 1.81 23.40 1.36
C1' TTP K . 2.19 21.94 1.27
N1 TTP K . 3.38 21.62 0.35
C2 TTP K . 4.60 21.36 1.09
O2 TTP K . 4.66 21.41 2.32
N3 TTP K . 5.71 21.03 0.34
C4 TTP K . 5.68 20.96 -1.00
O4 TTP K . 6.81 20.63 -1.61
C5 TTP K . 4.47 21.23 -1.76
C5M TTP K . 4.41 21.16 -3.25
C6 TTP K . 3.37 21.55 -1.02
MG MG L . -4.75 22.78 -5.16
#